data_4GKL
#
_entry.id   4GKL
#
_cell.length_a   66.880
_cell.length_b   74.449
_cell.length_c   108.900
_cell.angle_alpha   90.00
_cell.angle_beta   107.77
_cell.angle_gamma   90.00
#
_symmetry.space_group_name_H-M   'P 1 21 1'
#
loop_
_entity.id
_entity.type
_entity.pdbx_description
1 polymer Alpha-amylase
2 water water
#
_entity_poly.entity_id   1
_entity_poly.type   'polypeptide(L)'
_entity_poly.pdbx_seq_one_letter_code
;MNLKNLIIYEAFARAYPGEKGKKFLSLEKDLERLKGMGINTVWLMPIHPTGVEGRKGTLGSPYAIRDYYEIDLLIGTKGD
FKKFVKRAHELNMYVLMDMVLNHAAVDNVLVKKHPEWFLRDENGNPTRKVPDWSDVVDFDYSNGELREYMINMMRYWVEE
FDVDGFRCDVAGLVPLDFWLQARKNLDPVKRLIWISETHDPYMYQAFDITYDYDGYYRFRDFIEGKNSLREYIDFLRMQD
HMYPRGYIKMRFLENHDQPRVAKFLSRESLMHWIAFLFTVKGVPLVHNGQEYALKEDLDIFNEYTLPIPGEENEIFSLHR
KLAHYRYKTNVFSNGEMIFIRNDQPERVISYLWRHGNRFILCVLNPLLENTSVTLDFSGIWENICIHSKNVFNDDIVRVS
VKNSRAKIKVGREPLILSFVLY
;
_entity_poly.pdbx_strand_id   A,B
#
# COMPACT_ATOMS: atom_id res chain seq x y z
N MET A 1 -34.34 33.68 -18.73
CA MET A 1 -33.96 34.86 -17.98
C MET A 1 -33.27 35.90 -18.86
N ASN A 2 -32.56 36.83 -18.24
CA ASN A 2 -31.63 37.71 -18.96
C ASN A 2 -30.28 37.01 -19.11
N LEU A 3 -30.04 36.46 -20.30
CA LEU A 3 -28.84 35.68 -20.57
C LEU A 3 -27.61 36.57 -20.71
N LYS A 4 -27.81 37.89 -20.74
CA LYS A 4 -26.68 38.82 -20.70
C LYS A 4 -26.06 38.94 -19.29
N ASN A 5 -26.66 38.27 -18.30
CA ASN A 5 -26.05 38.19 -16.96
C ASN A 5 -25.01 37.07 -16.78
N LEU A 6 -24.88 36.20 -17.79
CA LEU A 6 -23.98 35.06 -17.66
C LEU A 6 -22.51 35.47 -17.79
N ILE A 7 -21.70 35.10 -16.79
CA ILE A 7 -20.26 35.10 -17.02
C ILE A 7 -19.68 33.69 -16.83
N ILE A 8 -19.08 33.16 -17.90
CA ILE A 8 -18.87 31.73 -18.05
C ILE A 8 -17.43 31.30 -17.80
N TYR A 9 -17.28 30.16 -17.12
CA TYR A 9 -15.99 29.54 -16.92
C TYR A 9 -15.99 28.16 -17.58
N GLU A 10 -15.11 27.95 -18.56
CA GLU A 10 -14.93 26.61 -19.12
C GLU A 10 -13.95 25.82 -18.25
N ALA A 11 -14.43 24.68 -17.74
CA ALA A 11 -13.65 23.87 -16.82
C ALA A 11 -13.44 22.48 -17.39
N PHE A 12 -12.19 22.04 -17.39
CA PHE A 12 -11.84 20.69 -17.83
C PHE A 12 -11.72 19.80 -16.59
N ALA A 13 -12.83 19.15 -16.21
CA ALA A 13 -12.92 18.44 -14.92
C ALA A 13 -11.88 17.33 -14.75
N ARG A 14 -11.73 16.50 -15.79
CA ARG A 14 -10.79 15.41 -15.76
C ARG A 14 -9.38 15.89 -15.49
N ALA A 15 -9.09 17.10 -15.95
CA ALA A 15 -7.77 17.70 -15.77
C ALA A 15 -7.59 18.46 -14.45
N TYR A 16 -8.66 18.55 -13.64
CA TYR A 16 -8.58 19.32 -12.41
C TYR A 16 -7.57 18.69 -11.45
N PRO A 17 -7.01 19.52 -10.55
CA PRO A 17 -6.23 19.01 -9.41
C PRO A 17 -7.06 18.13 -8.49
N GLY A 18 -6.38 17.20 -7.83
CA GLY A 18 -7.03 16.20 -7.01
C GLY A 18 -6.65 14.83 -7.51
N GLU A 19 -7.15 13.80 -6.82
CA GLU A 19 -6.88 12.42 -7.22
C GLU A 19 -7.95 11.91 -8.20
N LYS A 20 -7.61 10.88 -8.96
CA LYS A 20 -8.55 10.27 -9.90
C LYS A 20 -9.73 9.73 -9.13
N GLY A 21 -10.92 9.78 -9.74
CA GLY A 21 -12.16 9.38 -9.10
C GLY A 21 -12.76 10.49 -8.25
N LYS A 22 -11.96 11.53 -7.99
CA LYS A 22 -12.35 12.60 -7.07
C LYS A 22 -12.38 13.99 -7.71
N LYS A 23 -12.44 14.05 -9.04
CA LYS A 23 -12.29 15.32 -9.72
C LYS A 23 -13.47 16.27 -9.52
N PHE A 24 -14.69 15.73 -9.47
CA PHE A 24 -15.87 16.54 -9.12
C PHE A 24 -15.81 17.08 -7.70
N LEU A 25 -15.44 16.25 -6.72
CA LEU A 25 -15.20 16.74 -5.37
C LEU A 25 -14.37 18.02 -5.40
N SER A 26 -13.24 17.94 -6.09
CA SER A 26 -12.35 19.09 -6.28
C SER A 26 -13.07 20.32 -6.88
N LEU A 27 -13.69 20.15 -8.05
CA LEU A 27 -14.40 21.25 -8.72
C LEU A 27 -15.50 21.81 -7.82
N GLU A 28 -16.06 20.97 -6.96
CA GLU A 28 -17.04 21.44 -5.99
C GLU A 28 -16.43 22.46 -5.01
N LYS A 29 -15.28 22.15 -4.45
CA LYS A 29 -14.56 23.11 -3.61
C LYS A 29 -14.18 24.38 -4.38
N ASP A 30 -13.99 24.24 -5.68
CA ASP A 30 -13.46 25.34 -6.50
C ASP A 30 -14.53 26.36 -6.87
N LEU A 31 -15.78 25.94 -6.74
CA LEU A 31 -16.93 26.80 -6.98
C LEU A 31 -16.84 28.09 -6.16
N GLU A 32 -16.52 27.97 -4.87
CA GLU A 32 -16.34 29.15 -4.05
C GLU A 32 -15.29 30.11 -4.62
N ARG A 33 -14.21 29.56 -5.16
CA ARG A 33 -13.18 30.40 -5.81
C ARG A 33 -13.76 31.06 -7.06
N LEU A 34 -14.52 30.28 -7.82
CA LEU A 34 -15.11 30.77 -9.06
C LEU A 34 -16.16 31.83 -8.77
N LYS A 35 -17.07 31.53 -7.86
CA LYS A 35 -18.08 32.48 -7.40
C LYS A 35 -17.46 33.81 -6.94
N GLY A 36 -16.43 33.72 -6.10
CA GLY A 36 -15.78 34.90 -5.57
C GLY A 36 -14.98 35.67 -6.61
N MET A 37 -14.81 35.06 -7.78
CA MET A 37 -14.07 35.66 -8.89
C MET A 37 -15.07 36.26 -9.89
N GLY A 38 -16.36 36.11 -9.60
CA GLY A 38 -17.38 36.70 -10.43
C GLY A 38 -18.00 35.78 -11.46
N ILE A 39 -17.69 34.49 -11.39
CA ILE A 39 -18.28 33.47 -12.27
C ILE A 39 -19.69 33.09 -11.82
N ASN A 40 -20.62 32.95 -12.75
CA ASN A 40 -21.95 32.47 -12.36
C ASN A 40 -22.34 31.23 -13.10
N THR A 41 -21.53 30.87 -14.09
CA THR A 41 -21.82 29.75 -14.97
C THR A 41 -20.56 28.97 -15.21
N VAL A 42 -20.55 27.70 -14.87
CA VAL A 42 -19.44 26.86 -15.30
C VAL A 42 -19.85 25.89 -16.42
N TRP A 43 -19.04 25.91 -17.48
CA TRP A 43 -19.27 25.13 -18.67
C TRP A 43 -18.28 23.98 -18.63
N LEU A 44 -18.83 22.78 -18.45
CA LEU A 44 -18.05 21.56 -18.37
C LEU A 44 -17.73 21.04 -19.75
N MET A 45 -16.46 20.73 -19.98
CA MET A 45 -16.08 20.00 -21.16
C MET A 45 -16.71 18.63 -21.01
N PRO A 46 -16.82 17.85 -22.11
CA PRO A 46 -17.49 16.54 -21.98
C PRO A 46 -16.87 15.74 -20.84
N ILE A 47 -17.72 15.04 -20.08
CA ILE A 47 -17.28 14.34 -18.89
C ILE A 47 -17.53 12.86 -19.02
N HIS A 48 -17.82 12.41 -20.24
CA HIS A 48 -18.25 11.04 -20.48
C HIS A 48 -17.07 10.12 -20.57
N PRO A 49 -17.32 8.80 -20.44
CA PRO A 49 -16.20 7.90 -20.72
C PRO A 49 -15.85 7.96 -22.22
N THR A 50 -14.57 7.76 -22.47
CA THR A 50 -13.93 8.02 -23.74
C THR A 50 -13.79 6.73 -24.56
N GLY A 51 -13.77 6.84 -25.89
CA GLY A 51 -13.58 5.69 -26.76
C GLY A 51 -12.29 4.91 -26.48
N VAL A 52 -12.34 3.58 -26.66
CA VAL A 52 -11.16 2.78 -26.36
C VAL A 52 -10.44 2.36 -27.63
N GLU A 53 -11.16 1.74 -28.56
CA GLU A 53 -10.67 1.50 -29.92
C GLU A 53 -10.62 2.81 -30.68
N GLY A 54 -9.44 3.24 -31.07
CA GLY A 54 -9.27 4.44 -31.86
C GLY A 54 -8.63 5.58 -31.10
N ARG A 55 -8.67 5.45 -29.76
CA ARG A 55 -8.22 6.46 -28.80
C ARG A 55 -6.89 7.14 -29.08
N LYS A 56 -6.93 8.46 -29.27
CA LYS A 56 -5.71 9.27 -29.25
C LYS A 56 -5.22 9.45 -27.79
N GLY A 57 -3.91 9.30 -27.58
CA GLY A 57 -3.34 9.47 -26.27
C GLY A 57 -3.79 8.41 -25.28
N THR A 58 -3.28 8.51 -24.05
CA THR A 58 -3.49 7.45 -23.06
C THR A 58 -4.91 7.45 -22.51
N LEU A 59 -5.55 8.60 -22.55
CA LEU A 59 -6.87 8.78 -21.96
C LEU A 59 -7.95 8.97 -23.01
N GLY A 60 -7.59 9.61 -24.13
CA GLY A 60 -8.56 9.85 -25.18
C GLY A 60 -9.19 11.23 -25.12
N SER A 61 -9.58 11.74 -26.27
CA SER A 61 -10.22 13.04 -26.34
C SER A 61 -11.62 13.00 -25.73
N PRO A 62 -11.94 14.00 -24.90
CA PRO A 62 -13.28 14.11 -24.31
C PRO A 62 -14.35 14.20 -25.39
N TYR A 63 -13.98 14.61 -26.61
CA TYR A 63 -14.94 14.79 -27.70
C TYR A 63 -15.24 13.51 -28.47
N ALA A 64 -14.68 12.40 -28.00
CA ALA A 64 -14.91 11.07 -28.58
C ALA A 64 -15.61 10.16 -27.53
N ILE A 65 -16.94 10.32 -27.47
CA ILE A 65 -17.73 9.82 -26.36
C ILE A 65 -18.18 8.37 -26.52
N ARG A 66 -17.75 7.51 -25.59
CA ARG A 66 -18.12 6.10 -25.63
C ARG A 66 -19.47 5.74 -25.00
N ASP A 67 -19.98 6.59 -24.12
CA ASP A 67 -21.27 6.35 -23.49
C ASP A 67 -21.94 7.64 -22.99
N TYR A 68 -22.94 8.12 -23.72
CA TYR A 68 -23.65 9.35 -23.40
C TYR A 68 -24.35 9.33 -22.04
N TYR A 69 -24.56 8.13 -21.49
CA TYR A 69 -25.28 8.02 -20.21
C TYR A 69 -24.39 7.88 -18.97
N GLU A 70 -23.08 7.86 -19.16
CA GLU A 70 -22.17 7.60 -18.06
C GLU A 70 -21.14 8.72 -17.89
N ILE A 71 -20.49 8.75 -16.73
CA ILE A 71 -19.44 9.71 -16.45
C ILE A 71 -18.12 8.96 -16.31
N ASP A 72 -17.05 9.52 -16.84
CA ASP A 72 -15.74 8.91 -16.73
C ASP A 72 -15.38 8.79 -15.25
N LEU A 73 -15.28 7.56 -14.74
CA LEU A 73 -15.07 7.37 -13.31
C LEU A 73 -13.67 7.80 -12.88
N LEU A 74 -12.81 8.08 -13.85
CA LEU A 74 -11.53 8.71 -13.56
C LEU A 74 -11.73 10.20 -13.25
N ILE A 75 -12.98 10.64 -13.34
CA ILE A 75 -13.35 11.99 -12.93
C ILE A 75 -14.15 11.91 -11.64
N GLY A 76 -15.24 11.15 -11.67
CA GLY A 76 -16.08 11.00 -10.50
C GLY A 76 -17.28 10.10 -10.79
N THR A 77 -18.10 9.88 -9.77
CA THR A 77 -19.33 9.12 -9.91
C THR A 77 -20.47 10.07 -10.25
N LYS A 78 -21.67 9.53 -10.33
CA LYS A 78 -22.82 10.37 -10.57
C LYS A 78 -23.21 11.10 -9.30
N GLY A 79 -23.02 10.43 -8.16
CA GLY A 79 -23.22 11.06 -6.87
C GLY A 79 -22.35 12.30 -6.73
N ASP A 80 -21.07 12.18 -7.07
CA ASP A 80 -20.12 13.29 -6.99
C ASP A 80 -20.59 14.49 -7.79
N PHE A 81 -21.08 14.22 -9.00
CA PHE A 81 -21.51 15.24 -9.93
C PHE A 81 -22.81 15.87 -9.43
N LYS A 82 -23.71 15.03 -8.95
CA LYS A 82 -25.01 15.48 -8.48
C LYS A 82 -24.80 16.37 -7.24
N LYS A 83 -23.78 16.06 -6.44
CA LYS A 83 -23.46 16.90 -5.30
C LYS A 83 -22.89 18.21 -5.82
N PHE A 84 -22.19 18.11 -6.93
CA PHE A 84 -21.45 19.24 -7.45
C PHE A 84 -22.36 20.37 -7.98
N VAL A 85 -23.49 20.01 -8.58
CA VAL A 85 -24.36 21.04 -9.17
C VAL A 85 -25.32 21.55 -8.13
N LYS A 86 -25.60 20.74 -7.11
CA LYS A 86 -26.37 21.24 -5.97
C LYS A 86 -25.63 22.31 -5.22
N ARG A 87 -24.33 22.08 -5.00
CA ARG A 87 -23.47 23.11 -4.46
C ARG A 87 -23.55 24.36 -5.32
N ALA A 88 -23.45 24.15 -6.63
CA ALA A 88 -23.45 25.25 -7.59
C ALA A 88 -24.71 26.10 -7.45
N HIS A 89 -25.85 25.43 -7.30
CA HIS A 89 -27.13 26.11 -7.24
C HIS A 89 -27.29 26.89 -5.94
N GLU A 90 -26.83 26.29 -4.85
CA GLU A 90 -26.77 26.96 -3.54
C GLU A 90 -25.99 28.26 -3.62
N LEU A 91 -24.93 28.20 -4.42
CA LEU A 91 -24.02 29.32 -4.63
C LEU A 91 -24.53 30.21 -5.76
N ASN A 92 -25.76 29.97 -6.19
CA ASN A 92 -26.43 30.75 -7.22
C ASN A 92 -25.76 30.69 -8.60
N MET A 93 -25.25 29.51 -8.92
CA MET A 93 -24.54 29.29 -10.16
C MET A 93 -25.21 28.27 -11.06
N TYR A 94 -24.78 28.30 -12.33
CA TYR A 94 -25.36 27.47 -13.38
C TYR A 94 -24.34 26.51 -13.96
N VAL A 95 -24.79 25.29 -14.24
CA VAL A 95 -23.95 24.27 -14.84
C VAL A 95 -24.43 23.82 -16.23
N LEU A 96 -23.48 23.84 -17.16
CA LEU A 96 -23.71 23.45 -18.54
C LEU A 96 -22.87 22.21 -18.89
N MET A 97 -23.52 21.22 -19.50
CA MET A 97 -22.80 20.06 -20.00
C MET A 97 -22.62 20.14 -21.50
N ASP A 98 -21.44 19.74 -21.94
CA ASP A 98 -21.08 19.76 -23.34
C ASP A 98 -21.76 18.59 -24.06
N MET A 99 -22.50 18.89 -25.12
CA MET A 99 -23.24 17.86 -25.85
C MET A 99 -22.66 17.63 -27.25
N VAL A 100 -21.79 16.63 -27.36
CA VAL A 100 -21.21 16.27 -28.65
C VAL A 100 -22.03 15.13 -29.23
N LEU A 101 -23.02 15.49 -30.05
CA LEU A 101 -24.02 14.53 -30.51
C LEU A 101 -23.99 14.30 -32.01
N ASN A 102 -22.99 14.87 -32.66
CA ASN A 102 -22.84 14.76 -34.12
C ASN A 102 -21.91 13.61 -34.51
N HIS A 103 -21.05 13.23 -33.58
CA HIS A 103 -20.28 12.00 -33.73
C HIS A 103 -20.04 11.30 -32.40
N ALA A 104 -20.00 9.96 -32.46
CA ALA A 104 -19.64 9.14 -31.31
C ALA A 104 -18.28 8.49 -31.52
N ALA A 105 -17.74 7.92 -30.43
CA ALA A 105 -16.49 7.17 -30.52
C ALA A 105 -16.79 5.92 -31.31
N VAL A 106 -15.75 5.36 -31.93
CA VAL A 106 -15.88 4.16 -32.76
C VAL A 106 -16.54 2.99 -32.02
N ASP A 107 -16.16 2.80 -30.76
CA ASP A 107 -16.71 1.72 -29.95
C ASP A 107 -17.79 2.19 -28.96
N ASN A 108 -18.38 3.36 -29.20
CA ASN A 108 -19.53 3.81 -28.45
C ASN A 108 -20.59 2.71 -28.41
N VAL A 109 -21.26 2.54 -27.27
CA VAL A 109 -22.18 1.43 -27.08
C VAL A 109 -23.33 1.38 -28.09
N LEU A 110 -23.55 2.48 -28.79
CA LEU A 110 -24.58 2.57 -29.81
C LEU A 110 -24.16 1.94 -31.15
N VAL A 111 -22.85 1.96 -31.44
CA VAL A 111 -22.33 1.37 -32.67
C VAL A 111 -22.63 -0.13 -32.73
N LYS A 112 -22.73 -0.76 -31.57
CA LYS A 112 -23.08 -2.16 -31.51
C LYS A 112 -24.58 -2.33 -31.66
N LYS A 113 -25.33 -1.82 -30.68
CA LYS A 113 -26.77 -1.94 -30.65
C LYS A 113 -27.46 -1.39 -31.91
N HIS A 114 -27.08 -0.19 -32.34
CA HIS A 114 -27.73 0.44 -33.50
C HIS A 114 -26.74 0.98 -34.53
N PRO A 115 -26.22 0.11 -35.41
CA PRO A 115 -25.38 0.60 -36.51
C PRO A 115 -26.17 1.54 -37.44
N GLU A 116 -27.47 1.31 -37.56
CA GLU A 116 -28.34 2.11 -38.45
C GLU A 116 -28.39 3.60 -38.11
N TRP A 117 -28.10 3.91 -36.85
CA TRP A 117 -28.10 5.28 -36.37
C TRP A 117 -26.89 6.06 -36.86
N PHE A 118 -25.92 5.37 -37.45
CA PHE A 118 -24.72 6.03 -37.96
C PHE A 118 -24.66 6.03 -39.48
N LEU A 119 -23.94 7.00 -40.04
CA LEU A 119 -23.56 6.99 -41.44
C LEU A 119 -22.78 5.72 -41.69
N ARG A 120 -23.23 4.93 -42.67
CA ARG A 120 -22.56 3.67 -42.97
C ARG A 120 -21.78 3.74 -44.30
N ASP A 121 -20.76 2.88 -44.40
CA ASP A 121 -19.97 2.76 -45.62
C ASP A 121 -20.69 1.89 -46.66
N GLU A 122 -20.00 1.56 -47.76
CA GLU A 122 -20.58 0.79 -48.87
C GLU A 122 -21.10 -0.55 -48.38
N ASN A 123 -20.35 -1.17 -47.49
CA ASN A 123 -20.73 -2.47 -46.95
C ASN A 123 -21.34 -2.46 -45.54
N GLY A 124 -22.07 -1.39 -45.22
CA GLY A 124 -22.97 -1.39 -44.07
C GLY A 124 -22.41 -1.16 -42.67
N ASN A 125 -21.14 -0.80 -42.56
CA ASN A 125 -20.57 -0.50 -41.24
C ASN A 125 -20.51 1.00 -40.97
N PRO A 126 -20.69 1.39 -39.69
CA PRO A 126 -20.65 2.81 -39.31
C PRO A 126 -19.31 3.49 -39.63
N THR A 127 -19.41 4.72 -40.14
CA THR A 127 -18.24 5.45 -40.63
C THR A 127 -18.26 6.97 -40.34
N ARG A 128 -17.17 7.65 -40.70
CA ARG A 128 -17.06 9.09 -40.59
C ARG A 128 -17.00 9.65 -42.02
N LYS A 129 -17.22 10.94 -42.19
CA LYS A 129 -17.05 11.58 -43.51
C LYS A 129 -15.60 12.05 -43.70
N VAL A 130 -14.97 12.47 -42.61
CA VAL A 130 -13.62 13.05 -42.66
C VAL A 130 -12.52 12.08 -42.22
N PRO A 131 -11.60 11.79 -43.15
CA PRO A 131 -10.42 10.95 -42.86
C PRO A 131 -9.53 11.59 -41.80
N SER A 134 -9.74 9.66 -36.10
CA SER A 134 -10.39 8.39 -36.42
C SER A 134 -10.88 7.66 -35.18
N ASP A 135 -10.91 8.36 -34.06
CA ASP A 135 -11.49 7.78 -32.85
C ASP A 135 -13.01 7.90 -32.90
N VAL A 136 -13.52 8.39 -34.03
CA VAL A 136 -14.88 8.92 -34.07
C VAL A 136 -15.65 8.45 -35.31
N VAL A 137 -16.96 8.28 -35.16
CA VAL A 137 -17.86 7.81 -36.22
C VAL A 137 -19.10 8.73 -36.31
N ASP A 138 -19.56 9.07 -37.52
CA ASP A 138 -20.62 10.09 -37.69
C ASP A 138 -22.05 9.55 -37.57
N PHE A 139 -22.91 10.30 -36.90
CA PHE A 139 -24.32 9.92 -36.72
C PHE A 139 -25.17 10.17 -37.97
N ASP A 140 -26.14 9.28 -38.21
CA ASP A 140 -27.12 9.48 -39.25
C ASP A 140 -28.38 10.09 -38.64
N TYR A 141 -28.55 11.40 -38.83
CA TYR A 141 -29.70 12.11 -38.26
C TYR A 141 -30.94 12.11 -39.14
N SER A 142 -30.99 11.23 -40.14
CA SER A 142 -32.24 10.98 -40.83
C SER A 142 -33.04 10.02 -40.00
N ASN A 143 -32.41 9.47 -38.95
CA ASN A 143 -33.03 8.46 -38.12
C ASN A 143 -33.93 9.02 -37.01
N GLY A 144 -35.21 8.67 -37.07
CA GLY A 144 -36.18 9.20 -36.13
C GLY A 144 -35.95 8.65 -34.75
N GLU A 145 -35.45 7.42 -34.68
CA GLU A 145 -35.19 6.75 -33.42
C GLU A 145 -33.95 7.32 -32.75
N LEU A 146 -32.95 7.71 -33.55
CA LEU A 146 -31.75 8.34 -33.02
C LEU A 146 -32.12 9.67 -32.36
N ARG A 147 -32.95 10.42 -33.06
CA ARG A 147 -33.38 11.72 -32.59
C ARG A 147 -34.11 11.63 -31.27
N GLU A 148 -34.89 10.57 -31.07
CA GLU A 148 -35.62 10.41 -29.82
C GLU A 148 -34.74 9.93 -28.68
N TYR A 149 -33.77 9.08 -29.01
CA TYR A 149 -32.76 8.68 -28.06
C TYR A 149 -32.03 9.89 -27.48
N MET A 150 -31.56 10.77 -28.37
CA MET A 150 -30.76 11.92 -27.96
C MET A 150 -31.52 12.90 -27.05
N ILE A 151 -32.80 13.12 -27.35
CA ILE A 151 -33.59 14.08 -26.60
C ILE A 151 -33.85 13.52 -25.19
N ASN A 152 -34.00 12.20 -25.13
CA ASN A 152 -34.23 11.52 -23.86
C ASN A 152 -32.97 11.44 -22.99
N MET A 153 -31.81 11.32 -23.62
CA MET A 153 -30.55 11.39 -22.90
C MET A 153 -30.31 12.82 -22.40
N MET A 154 -30.66 13.82 -23.21
CA MET A 154 -30.52 15.20 -22.72
C MET A 154 -31.49 15.42 -21.57
N ARG A 155 -32.71 14.90 -21.73
CA ARG A 155 -33.70 14.99 -20.67
C ARG A 155 -33.26 14.34 -19.35
N TYR A 156 -32.63 13.18 -19.43
CA TYR A 156 -32.22 12.43 -18.24
C TYR A 156 -31.26 13.28 -17.43
N TRP A 157 -30.22 13.78 -18.10
CA TRP A 157 -29.23 14.60 -17.44
C TRP A 157 -29.86 15.82 -16.79
N VAL A 158 -30.86 16.39 -17.45
CA VAL A 158 -31.59 17.52 -16.89
C VAL A 158 -32.39 17.05 -15.69
N GLU A 159 -33.29 16.11 -15.92
CA GLU A 159 -34.15 15.61 -14.85
C GLU A 159 -33.40 14.91 -13.72
N GLU A 160 -32.24 14.34 -14.00
CA GLU A 160 -31.51 13.63 -12.93
C GLU A 160 -30.47 14.46 -12.20
N PHE A 161 -29.75 15.32 -12.92
CA PHE A 161 -28.69 16.07 -12.27
C PHE A 161 -28.98 17.57 -12.24
N ASP A 162 -30.16 17.95 -12.72
CA ASP A 162 -30.63 19.34 -12.68
C ASP A 162 -29.70 20.36 -13.36
N VAL A 163 -28.92 19.91 -14.33
CA VAL A 163 -28.05 20.81 -15.10
C VAL A 163 -28.81 21.94 -15.78
N ASP A 164 -28.10 23.03 -16.05
CA ASP A 164 -28.81 24.25 -16.38
C ASP A 164 -28.87 24.56 -17.86
N GLY A 165 -27.90 24.09 -18.61
CA GLY A 165 -27.90 24.24 -20.04
C GLY A 165 -26.96 23.26 -20.70
N PHE A 166 -26.77 23.45 -22.01
CA PHE A 166 -25.97 22.53 -22.83
C PHE A 166 -25.16 23.35 -23.82
N ARG A 167 -23.88 23.04 -23.97
CA ARG A 167 -23.19 23.53 -25.15
C ARG A 167 -23.25 22.39 -26.17
N CYS A 168 -23.80 22.66 -27.35
CA CYS A 168 -23.94 21.61 -28.36
C CYS A 168 -22.95 21.81 -29.50
N ASP A 169 -22.36 20.71 -29.93
CA ASP A 169 -21.58 20.68 -31.16
C ASP A 169 -22.56 20.50 -32.33
N VAL A 170 -22.58 21.47 -33.23
CA VAL A 170 -23.61 21.51 -34.28
C VAL A 170 -23.07 21.21 -35.71
N ALA A 171 -21.75 21.25 -35.85
CA ALA A 171 -21.06 20.88 -37.06
C ALA A 171 -21.54 19.55 -37.69
N GLY A 172 -21.37 19.42 -38.99
CA GLY A 172 -21.74 18.18 -39.65
C GLY A 172 -23.23 17.99 -39.86
N LEU A 173 -23.63 16.75 -40.11
CA LEU A 173 -24.97 16.43 -40.57
C LEU A 173 -26.01 16.32 -39.46
N VAL A 174 -26.11 17.36 -38.63
CA VAL A 174 -27.24 17.51 -37.70
C VAL A 174 -28.14 18.65 -38.18
N PRO A 175 -29.43 18.37 -38.37
CA PRO A 175 -30.34 19.39 -38.87
C PRO A 175 -30.88 20.34 -37.79
N LEU A 176 -31.08 21.61 -38.16
CA LEU A 176 -31.73 22.59 -37.30
C LEU A 176 -33.04 22.09 -36.73
N ASP A 177 -33.78 21.29 -37.51
CA ASP A 177 -35.04 20.73 -37.01
C ASP A 177 -34.83 19.78 -35.83
N PHE A 178 -33.69 19.11 -35.78
CA PHE A 178 -33.40 18.27 -34.63
C PHE A 178 -33.30 19.10 -33.36
N TRP A 179 -32.54 20.21 -33.42
CA TRP A 179 -32.37 21.08 -32.28
C TRP A 179 -33.68 21.75 -31.87
N LEU A 180 -34.48 22.16 -32.85
CA LEU A 180 -35.80 22.70 -32.56
C LEU A 180 -36.66 21.63 -31.91
N GLN A 181 -36.53 20.39 -32.37
CA GLN A 181 -37.26 19.27 -31.79
C GLN A 181 -36.87 19.09 -30.32
N ALA A 182 -35.60 19.29 -30.01
CA ALA A 182 -35.11 19.16 -28.65
C ALA A 182 -35.76 20.21 -27.76
N ARG A 183 -35.87 21.44 -28.27
CA ARG A 183 -36.48 22.55 -27.55
C ARG A 183 -37.98 22.35 -27.37
N LYS A 184 -38.63 21.71 -28.32
CA LYS A 184 -40.07 21.49 -28.20
C LYS A 184 -40.37 20.54 -27.05
N ASN A 185 -39.49 19.55 -26.86
CA ASN A 185 -39.67 18.56 -25.81
C ASN A 185 -39.03 18.93 -24.47
N LEU A 186 -37.98 19.75 -24.52
CA LEU A 186 -37.22 20.07 -23.32
C LEU A 186 -37.56 21.43 -22.68
N ASP A 187 -37.99 22.41 -23.46
CA ASP A 187 -38.44 23.68 -22.88
C ASP A 187 -39.49 23.49 -21.78
N PRO A 188 -40.55 22.68 -22.05
CA PRO A 188 -41.51 22.47 -20.96
C PRO A 188 -40.96 21.71 -19.74
N VAL A 189 -39.81 21.05 -19.90
CA VAL A 189 -39.17 20.34 -18.79
C VAL A 189 -38.47 21.36 -17.92
N LYS A 190 -37.68 22.22 -18.56
CA LYS A 190 -36.98 23.30 -17.88
C LYS A 190 -36.44 24.25 -18.92
N ARG A 191 -36.50 25.55 -18.62
CA ARG A 191 -35.96 26.55 -19.53
C ARG A 191 -34.45 26.53 -19.37
N LEU A 192 -33.75 26.04 -20.40
CA LEU A 192 -32.33 25.79 -20.26
C LEU A 192 -31.51 26.83 -21.01
N ILE A 193 -30.22 26.89 -20.69
CA ILE A 193 -29.27 27.72 -21.42
C ILE A 193 -28.70 26.97 -22.64
N TRP A 194 -29.12 27.39 -23.83
CA TRP A 194 -28.74 26.68 -25.05
C TRP A 194 -27.67 27.39 -25.85
N ILE A 195 -26.48 26.80 -25.87
CA ILE A 195 -25.31 27.41 -26.50
C ILE A 195 -24.72 26.54 -27.59
N SER A 196 -24.30 27.15 -28.71
CA SER A 196 -23.61 26.44 -29.76
C SER A 196 -22.43 27.21 -30.38
N GLU A 197 -21.62 26.52 -31.15
CA GLU A 197 -20.57 27.15 -31.93
C GLU A 197 -20.97 27.24 -33.41
N THR A 198 -21.27 28.47 -33.86
CA THR A 198 -21.84 28.67 -35.19
C THR A 198 -21.86 30.16 -35.57
N HIS A 199 -21.85 30.44 -36.87
CA HIS A 199 -22.17 31.79 -37.37
C HIS A 199 -23.37 31.73 -38.31
N ASP A 200 -24.16 30.69 -38.14
CA ASP A 200 -25.38 30.52 -38.92
C ASP A 200 -26.53 31.22 -38.19
N PRO A 201 -26.98 32.35 -38.75
CA PRO A 201 -28.03 33.20 -38.15
C PRO A 201 -29.34 32.46 -37.86
N TYR A 202 -29.63 31.39 -38.59
CA TYR A 202 -30.87 30.63 -38.34
C TYR A 202 -30.84 29.89 -36.98
N MET A 203 -29.64 29.59 -36.48
CA MET A 203 -29.48 28.78 -35.26
C MET A 203 -30.14 29.41 -34.05
N TYR A 204 -30.23 30.74 -34.06
CA TYR A 204 -30.85 31.47 -32.95
C TYR A 204 -32.33 31.12 -32.83
N GLN A 205 -32.85 30.40 -33.81
CA GLN A 205 -34.18 29.80 -33.71
C GLN A 205 -34.19 28.72 -32.65
N ALA A 206 -33.03 28.09 -32.43
CA ALA A 206 -32.88 26.99 -31.44
C ALA A 206 -31.95 27.32 -30.24
N PHE A 207 -31.01 28.23 -30.45
CA PHE A 207 -30.02 28.58 -29.44
C PHE A 207 -30.17 30.02 -28.90
N ASP A 208 -29.76 30.22 -27.66
CA ASP A 208 -29.83 31.55 -27.05
C ASP A 208 -28.52 32.28 -27.23
N ILE A 209 -27.43 31.51 -27.13
CA ILE A 209 -26.10 32.07 -27.21
C ILE A 209 -25.28 31.25 -28.17
N THR A 210 -24.52 31.90 -29.04
CA THR A 210 -23.56 31.14 -29.82
C THR A 210 -22.22 31.80 -29.67
N TYR A 211 -21.18 31.10 -30.13
CA TYR A 211 -19.88 31.70 -30.34
C TYR A 211 -19.30 31.19 -31.66
N ASP A 212 -18.29 31.88 -32.17
CA ASP A 212 -17.63 31.46 -33.39
C ASP A 212 -16.22 32.04 -33.39
N TYR A 213 -15.45 31.72 -34.44
CA TYR A 213 -14.05 32.15 -34.53
C TYR A 213 -13.82 33.24 -35.57
N ASP A 214 -14.91 33.81 -36.10
CA ASP A 214 -14.80 34.93 -37.04
C ASP A 214 -14.04 36.07 -36.35
N GLY A 215 -14.58 36.54 -35.23
CA GLY A 215 -13.94 37.59 -34.48
C GLY A 215 -12.54 37.16 -34.09
N TYR A 216 -12.48 36.06 -33.34
CA TYR A 216 -11.26 35.51 -32.77
C TYR A 216 -9.99 35.50 -33.64
N TYR A 217 -10.08 35.01 -34.89
CA TYR A 217 -8.91 35.06 -35.78
C TYR A 217 -8.56 36.47 -36.30
N ARG A 218 -9.55 37.34 -36.48
CA ARG A 218 -9.26 38.73 -36.79
C ARG A 218 -8.48 39.33 -35.62
N PHE A 219 -8.91 38.96 -34.41
CA PHE A 219 -8.21 39.32 -33.17
C PHE A 219 -6.82 38.71 -33.05
N ARG A 220 -6.72 37.39 -33.28
CA ARG A 220 -5.43 36.71 -33.35
C ARG A 220 -4.46 37.39 -34.31
N ASP A 221 -4.97 37.86 -35.44
CA ASP A 221 -4.10 38.38 -36.49
C ASP A 221 -3.50 39.71 -36.12
N PHE A 222 -4.27 40.53 -35.40
CA PHE A 222 -3.77 41.80 -34.91
C PHE A 222 -2.65 41.64 -33.88
N ILE A 223 -2.77 40.66 -32.98
CA ILE A 223 -1.71 40.40 -32.01
C ILE A 223 -0.44 39.88 -32.66
N GLU A 224 -0.61 38.89 -33.55
CA GLU A 224 0.51 38.24 -34.20
C GLU A 224 1.15 39.13 -35.26
N GLY A 225 0.68 40.38 -35.33
CA GLY A 225 1.19 41.37 -36.27
C GLY A 225 0.70 41.14 -37.69
N LYS A 226 -0.13 40.14 -37.88
CA LYS A 226 -0.50 39.70 -39.24
C LYS A 226 -1.52 40.61 -39.90
N ASN A 227 -2.32 41.29 -39.11
CA ASN A 227 -3.36 42.14 -39.66
C ASN A 227 -3.78 43.32 -38.76
N SER A 228 -4.67 44.15 -39.29
CA SER A 228 -5.08 45.39 -38.63
C SER A 228 -6.11 45.22 -37.51
N LEU A 229 -5.98 46.04 -36.47
CA LEU A 229 -6.98 46.12 -35.41
C LEU A 229 -8.34 46.40 -36.02
N ARG A 230 -8.33 47.20 -37.09
CA ARG A 230 -9.60 47.61 -37.71
C ARG A 230 -10.41 46.48 -38.34
N GLU A 231 -9.73 45.47 -38.88
CA GLU A 231 -10.41 44.23 -39.27
C GLU A 231 -11.18 43.66 -38.09
N TYR A 232 -10.56 43.63 -36.91
CA TYR A 232 -11.25 43.12 -35.73
C TYR A 232 -12.42 43.99 -35.30
N ILE A 233 -12.17 45.28 -35.11
CA ILE A 233 -13.20 46.16 -34.58
C ILE A 233 -14.35 46.44 -35.53
N ASP A 234 -14.04 46.73 -36.81
CA ASP A 234 -15.09 47.00 -37.80
C ASP A 234 -15.97 45.79 -38.03
N PHE A 235 -15.42 44.60 -37.83
CA PHE A 235 -16.20 43.37 -37.89
C PHE A 235 -17.24 43.32 -36.78
N LEU A 236 -16.81 43.66 -35.56
CA LEU A 236 -17.70 43.62 -34.38
C LEU A 236 -18.75 44.70 -34.50
N ARG A 237 -18.29 45.87 -34.95
CA ARG A 237 -19.11 47.02 -35.32
C ARG A 237 -20.33 46.67 -36.22
N MET A 238 -20.14 45.81 -37.20
CA MET A 238 -21.23 45.48 -38.13
C MET A 238 -21.99 44.15 -37.80
N GLN A 239 -21.49 43.43 -36.81
CA GLN A 239 -22.01 42.10 -36.46
C GLN A 239 -23.50 42.02 -36.07
N ASP A 240 -24.07 43.09 -35.54
CA ASP A 240 -25.50 43.13 -35.20
C ASP A 240 -26.37 42.84 -36.42
N HIS A 241 -25.79 43.11 -37.59
CA HIS A 241 -26.51 43.06 -38.83
C HIS A 241 -26.45 41.68 -39.48
N MET A 242 -25.62 40.81 -38.90
CA MET A 242 -25.51 39.42 -39.37
C MET A 242 -26.53 38.50 -38.68
N TYR A 243 -27.23 39.03 -37.68
CA TYR A 243 -28.05 38.21 -36.77
C TYR A 243 -29.37 38.87 -36.39
N PRO A 244 -30.39 38.05 -36.05
CA PRO A 244 -31.71 38.52 -35.57
C PRO A 244 -31.59 39.31 -34.27
N ARG A 245 -32.68 39.98 -33.86
CA ARG A 245 -32.67 41.00 -32.80
C ARG A 245 -32.14 40.59 -31.40
N GLY A 246 -32.65 39.51 -30.83
CA GLY A 246 -32.28 39.18 -29.47
C GLY A 246 -31.04 38.30 -29.31
N TYR A 247 -30.22 38.23 -30.35
CA TYR A 247 -29.08 37.29 -30.37
C TYR A 247 -28.00 37.68 -29.38
N ILE A 248 -27.28 36.68 -28.88
CA ILE A 248 -26.16 36.92 -27.99
C ILE A 248 -24.91 36.20 -28.49
N LYS A 249 -23.81 36.93 -28.58
CA LYS A 249 -22.53 36.30 -28.88
C LYS A 249 -21.65 36.17 -27.64
N MET A 250 -20.91 35.08 -27.58
CA MET A 250 -20.05 34.85 -26.44
C MET A 250 -18.64 35.27 -26.82
N ARG A 251 -18.11 36.25 -26.07
CA ARG A 251 -16.73 36.71 -26.24
C ARG A 251 -15.73 35.81 -25.50
N PHE A 252 -14.53 35.67 -26.05
CA PHE A 252 -13.51 34.77 -25.50
C PHE A 252 -12.14 35.14 -26.05
N LEU A 253 -11.10 34.88 -25.25
CA LEU A 253 -9.71 35.19 -25.64
C LEU A 253 -9.04 33.87 -25.97
N GLU A 254 -9.63 32.80 -25.46
CA GLU A 254 -9.18 31.44 -25.72
C GLU A 254 -10.30 30.50 -25.29
N ASN A 255 -10.19 29.25 -25.70
CA ASN A 255 -10.94 28.19 -25.08
C ASN A 255 -10.14 26.89 -25.21
N HIS A 256 -10.82 25.75 -25.12
CA HIS A 256 -10.13 24.48 -25.17
C HIS A 256 -9.52 24.22 -26.55
N ASP A 257 -10.18 24.76 -27.57
CA ASP A 257 -9.81 24.53 -28.96
C ASP A 257 -8.71 25.48 -29.47
N GLN A 258 -8.26 26.42 -28.65
CA GLN A 258 -7.30 27.44 -29.10
C GLN A 258 -6.06 27.51 -28.21
N PRO A 259 -4.93 28.01 -28.75
CA PRO A 259 -3.73 28.23 -27.92
C PRO A 259 -4.00 29.21 -26.80
N ARG A 260 -3.17 29.17 -25.75
CA ARG A 260 -3.30 30.08 -24.62
C ARG A 260 -3.04 31.47 -25.10
N VAL A 261 -3.92 32.42 -24.74
CA VAL A 261 -3.76 33.80 -25.20
C VAL A 261 -2.51 34.46 -24.66
N ALA A 262 -2.13 34.11 -23.43
CA ALA A 262 -0.93 34.66 -22.78
C ALA A 262 0.38 34.38 -23.55
N LYS A 263 0.30 33.48 -24.53
CA LYS A 263 1.47 33.17 -25.34
C LYS A 263 1.77 34.34 -26.25
N PHE A 264 0.74 35.08 -26.63
CA PHE A 264 0.88 36.04 -27.72
C PHE A 264 1.13 37.48 -27.26
N LEU A 265 0.70 37.80 -26.05
CA LEU A 265 0.79 39.16 -25.52
C LEU A 265 1.71 39.23 -24.30
N SER A 266 2.13 40.45 -23.98
CA SER A 266 2.75 40.78 -22.69
C SER A 266 1.67 40.86 -21.61
N ARG A 267 2.09 40.90 -20.34
CA ARG A 267 1.16 41.08 -19.24
C ARG A 267 0.34 42.36 -19.41
N GLU A 268 1.05 43.47 -19.60
CA GLU A 268 0.39 44.77 -19.73
C GLU A 268 -0.52 44.90 -20.97
N SER A 269 -0.18 44.20 -22.04
CA SER A 269 -1.03 44.25 -23.21
C SER A 269 -2.28 43.42 -22.96
N LEU A 270 -2.08 42.22 -22.43
CA LEU A 270 -3.17 41.31 -22.08
C LEU A 270 -4.29 41.96 -21.24
N MET A 271 -3.93 42.84 -20.32
CA MET A 271 -4.90 43.48 -19.45
C MET A 271 -5.90 44.31 -20.25
N HIS A 272 -5.38 45.04 -21.26
CA HIS A 272 -6.25 45.77 -22.18
C HIS A 272 -7.26 44.80 -22.81
N TRP A 273 -6.80 43.61 -23.14
CA TRP A 273 -7.67 42.60 -23.72
C TRP A 273 -8.56 41.90 -22.69
N ILE A 274 -8.13 41.89 -21.43
CA ILE A 274 -8.99 41.45 -20.35
C ILE A 274 -10.07 42.50 -20.19
N ALA A 275 -9.68 43.76 -20.13
CA ALA A 275 -10.65 44.84 -19.98
C ALA A 275 -11.71 44.73 -21.08
N PHE A 276 -11.24 44.49 -22.30
CA PHE A 276 -12.11 44.29 -23.43
C PHE A 276 -13.07 43.11 -23.19
N LEU A 277 -12.51 42.00 -22.72
CA LEU A 277 -13.28 40.77 -22.48
C LEU A 277 -14.52 41.07 -21.64
N PHE A 278 -14.32 41.86 -20.60
CA PHE A 278 -15.34 41.98 -19.56
C PHE A 278 -16.25 43.15 -19.78
N THR A 279 -15.86 44.08 -20.64
CA THR A 279 -16.70 45.27 -20.84
C THR A 279 -17.38 45.35 -22.18
N VAL A 280 -16.98 44.50 -23.13
CA VAL A 280 -17.58 44.57 -24.45
C VAL A 280 -18.95 43.89 -24.45
N LYS A 281 -19.82 44.36 -25.33
CA LYS A 281 -21.14 43.79 -25.56
C LYS A 281 -21.02 42.30 -25.82
N GLY A 282 -21.97 41.54 -25.26
CA GLY A 282 -21.95 40.10 -25.39
C GLY A 282 -21.97 39.41 -24.04
N VAL A 283 -21.11 38.41 -23.90
CA VAL A 283 -21.12 37.50 -22.76
C VAL A 283 -19.73 36.88 -22.64
N PRO A 284 -19.03 37.16 -21.52
CA PRO A 284 -17.61 36.79 -21.39
C PRO A 284 -17.34 35.30 -21.11
N LEU A 285 -16.24 34.80 -21.68
CA LEU A 285 -15.74 33.47 -21.35
C LEU A 285 -14.36 33.58 -20.73
N VAL A 286 -14.22 32.94 -19.57
CA VAL A 286 -12.94 32.70 -18.94
C VAL A 286 -12.66 31.20 -19.08
N HIS A 287 -11.59 30.87 -19.79
CA HIS A 287 -11.28 29.46 -20.02
C HIS A 287 -10.30 29.06 -18.94
N ASN A 288 -10.60 27.98 -18.20
CA ASN A 288 -9.82 27.62 -17.01
C ASN A 288 -8.30 27.71 -17.19
N GLY A 289 -7.67 28.53 -16.34
CA GLY A 289 -6.24 28.81 -16.44
C GLY A 289 -5.89 30.18 -17.01
N GLN A 290 -6.83 30.85 -17.67
CA GLN A 290 -6.53 32.14 -18.30
C GLN A 290 -6.48 33.24 -17.25
N GLU A 291 -7.16 32.99 -16.12
CA GLU A 291 -7.15 33.92 -15.00
C GLU A 291 -5.82 33.90 -14.27
N TYR A 292 -4.94 32.97 -14.65
CA TYR A 292 -3.59 32.95 -14.10
C TYR A 292 -2.57 33.26 -15.17
N ALA A 293 -3.05 33.77 -16.31
CA ALA A 293 -2.18 34.08 -17.44
C ALA A 293 -1.31 32.88 -17.82
N LEU A 294 -1.89 31.69 -17.77
CA LEU A 294 -1.15 30.46 -18.10
C LEU A 294 -0.83 30.43 -19.58
N LYS A 295 0.44 30.21 -19.93
CA LYS A 295 0.79 29.91 -21.32
C LYS A 295 1.09 28.42 -21.56
N GLU A 296 0.68 27.58 -20.61
CA GLU A 296 0.73 26.13 -20.74
C GLU A 296 -0.49 25.62 -21.54
N ASP A 297 -0.25 24.83 -22.57
CA ASP A 297 -1.35 24.30 -23.37
C ASP A 297 -2.09 23.16 -22.71
N LEU A 298 -3.40 23.11 -22.94
CA LEU A 298 -4.21 21.99 -22.50
C LEU A 298 -3.82 20.73 -23.26
N ASP A 299 -3.26 19.75 -22.56
CA ASP A 299 -3.12 18.41 -23.12
C ASP A 299 -4.47 17.73 -22.92
N ILE A 300 -5.01 17.19 -23.99
CA ILE A 300 -6.43 16.85 -24.03
C ILE A 300 -6.68 15.34 -24.21
N PHE A 301 -5.60 14.59 -24.50
CA PHE A 301 -5.67 13.14 -24.77
C PHE A 301 -4.89 12.30 -23.75
N ASN A 302 -3.87 12.90 -23.15
CA ASN A 302 -3.02 12.21 -22.18
C ASN A 302 -3.27 12.69 -20.74
N GLU A 303 -2.65 12.02 -19.77
CA GLU A 303 -2.77 12.43 -18.38
C GLU A 303 -2.27 13.86 -18.22
N TYR A 304 -3.13 14.70 -17.66
CA TYR A 304 -2.85 16.12 -17.54
C TYR A 304 -3.60 16.74 -16.37
N THR A 305 -2.89 17.62 -15.67
CA THR A 305 -3.45 18.34 -14.53
C THR A 305 -3.09 19.82 -14.71
N LEU A 306 -4.08 20.69 -14.68
CA LEU A 306 -3.75 22.08 -14.91
C LEU A 306 -3.37 22.76 -13.62
N PRO A 307 -2.34 23.62 -13.68
CA PRO A 307 -1.85 24.30 -12.47
C PRO A 307 -2.88 25.28 -11.92
N ILE A 308 -4.05 24.78 -11.54
CA ILE A 308 -5.15 25.62 -11.07
C ILE A 308 -5.04 25.75 -9.55
N PRO A 309 -5.28 26.98 -9.03
CA PRO A 309 -4.31 27.64 -8.15
C PRO A 309 -2.89 27.11 -8.35
N GLY A 310 -2.04 27.98 -8.92
CA GLY A 310 -2.46 29.29 -9.36
C GLY A 310 -2.21 30.39 -8.35
N GLU A 311 -1.10 31.11 -8.51
CA GLU A 311 -0.81 32.27 -7.66
C GLU A 311 -1.73 33.42 -8.02
N GLU A 312 -2.16 34.19 -7.02
CA GLU A 312 -3.12 35.26 -7.27
C GLU A 312 -2.47 36.55 -7.82
N ASN A 313 -1.94 36.46 -9.03
CA ASN A 313 -1.22 37.56 -9.66
C ASN A 313 -2.12 38.71 -10.17
N GLU A 314 -1.50 39.69 -10.82
CA GLU A 314 -2.22 40.86 -11.27
C GLU A 314 -3.27 40.53 -12.34
N ILE A 315 -3.08 39.41 -13.06
CA ILE A 315 -4.08 38.95 -14.03
C ILE A 315 -5.30 38.36 -13.29
N PHE A 316 -5.04 37.63 -12.21
CA PHE A 316 -6.15 37.09 -11.42
C PHE A 316 -6.99 38.19 -10.76
N SER A 317 -6.32 39.24 -10.29
CA SER A 317 -7.02 40.30 -9.55
C SER A 317 -7.93 41.10 -10.47
N LEU A 318 -7.39 41.47 -11.64
CA LEU A 318 -8.14 42.13 -12.70
C LEU A 318 -9.38 41.34 -13.11
N HIS A 319 -9.16 40.05 -13.39
CA HIS A 319 -10.26 39.13 -13.71
C HIS A 319 -11.36 39.24 -12.67
N ARG A 320 -10.99 39.11 -11.40
CA ARG A 320 -11.98 39.20 -10.33
C ARG A 320 -12.59 40.59 -10.28
N LYS A 321 -11.75 41.62 -10.43
CA LYS A 321 -12.23 42.99 -10.35
C LYS A 321 -13.31 43.29 -11.40
N LEU A 322 -13.06 42.86 -12.64
CA LEU A 322 -13.96 43.21 -13.74
C LEU A 322 -15.23 42.36 -13.76
N ALA A 323 -15.08 41.08 -13.43
CA ALA A 323 -16.22 40.18 -13.39
C ALA A 323 -17.16 40.59 -12.26
N HIS A 324 -16.58 40.89 -11.10
CA HIS A 324 -17.35 41.28 -9.93
C HIS A 324 -18.04 42.61 -10.19
N TYR A 325 -17.34 43.48 -10.93
CA TYR A 325 -17.93 44.75 -11.30
C TYR A 325 -19.14 44.58 -12.22
N ARG A 326 -18.96 43.81 -13.30
CA ARG A 326 -20.08 43.52 -14.20
C ARG A 326 -21.23 42.84 -13.46
N TYR A 327 -20.88 41.95 -12.54
CA TYR A 327 -21.86 41.14 -11.82
C TYR A 327 -22.76 42.01 -10.96
N LYS A 328 -22.23 43.16 -10.54
CA LYS A 328 -22.92 44.02 -9.59
C LYS A 328 -23.55 45.26 -10.21
N THR A 329 -23.20 45.56 -11.46
CA THR A 329 -23.80 46.69 -12.15
C THR A 329 -24.85 46.14 -13.10
N ASN A 330 -25.72 46.99 -13.65
CA ASN A 330 -26.69 46.51 -14.62
C ASN A 330 -26.56 47.19 -15.99
N VAL A 331 -25.44 47.88 -16.14
CA VAL A 331 -25.07 48.58 -17.36
C VAL A 331 -24.94 47.64 -18.56
N PHE A 332 -24.20 46.55 -18.40
CA PHE A 332 -23.95 45.62 -19.51
C PHE A 332 -25.13 44.67 -19.72
N SER A 333 -25.88 44.39 -18.66
CA SER A 333 -27.04 43.50 -18.80
C SER A 333 -28.30 44.20 -19.30
N ASN A 334 -28.34 45.52 -19.19
CA ASN A 334 -29.53 46.27 -19.60
C ASN A 334 -29.33 47.54 -20.43
N GLY A 335 -28.11 48.04 -20.47
CA GLY A 335 -27.85 49.25 -21.24
C GLY A 335 -27.61 48.97 -22.71
N GLU A 336 -27.12 49.99 -23.40
CA GLU A 336 -26.82 49.88 -24.81
C GLU A 336 -25.35 50.20 -24.99
N MET A 337 -24.67 49.41 -25.82
CA MET A 337 -23.30 49.75 -26.17
C MET A 337 -23.27 50.27 -27.61
N ILE A 338 -22.48 51.31 -27.84
CA ILE A 338 -22.19 51.76 -29.17
C ILE A 338 -20.68 51.97 -29.27
N PHE A 339 -20.11 51.67 -30.44
CA PHE A 339 -18.69 51.91 -30.68
C PHE A 339 -18.42 53.39 -30.99
N ILE A 340 -17.26 53.88 -30.61
CA ILE A 340 -16.93 55.29 -30.79
C ILE A 340 -15.77 55.46 -31.77
N ARG A 341 -16.03 56.17 -32.87
CA ARG A 341 -15.00 56.45 -33.84
C ARG A 341 -13.86 57.24 -33.21
N ASN A 342 -12.63 56.82 -33.44
CA ASN A 342 -11.50 57.54 -32.87
C ASN A 342 -10.38 57.95 -33.86
N ASP A 343 -9.50 58.82 -33.41
CA ASP A 343 -8.39 59.33 -34.21
C ASP A 343 -7.44 58.24 -34.66
N GLN A 344 -7.30 57.21 -33.84
CA GLN A 344 -6.23 56.23 -34.00
C GLN A 344 -6.75 54.80 -34.12
N PRO A 345 -7.57 54.53 -35.15
CA PRO A 345 -8.25 53.23 -35.26
C PRO A 345 -7.27 52.08 -35.45
N GLU A 346 -6.00 52.37 -35.69
CA GLU A 346 -5.03 51.29 -35.78
C GLU A 346 -4.49 50.93 -34.41
N ARG A 347 -4.71 51.81 -33.44
CA ARG A 347 -4.16 51.60 -32.11
C ARG A 347 -5.22 51.39 -31.03
N VAL A 348 -6.34 52.10 -31.14
CA VAL A 348 -7.28 52.10 -30.02
C VAL A 348 -8.70 51.62 -30.33
N ILE A 349 -9.27 50.97 -29.32
CA ILE A 349 -10.69 50.63 -29.28
C ILE A 349 -11.38 51.60 -28.34
N SER A 350 -12.64 51.89 -28.61
CA SER A 350 -13.40 52.85 -27.86
C SER A 350 -14.89 52.63 -28.09
N TYR A 351 -15.65 52.53 -27.00
CA TYR A 351 -17.07 52.30 -27.09
C TYR A 351 -17.74 52.81 -25.82
N LEU A 352 -19.03 53.12 -25.91
CA LEU A 352 -19.73 53.76 -24.81
C LEU A 352 -20.90 52.90 -24.43
N TRP A 353 -21.17 52.81 -23.14
CA TRP A 353 -22.39 52.21 -22.63
C TRP A 353 -23.26 53.31 -22.03
N ARG A 354 -24.59 53.18 -22.15
CA ARG A 354 -25.53 54.14 -21.55
C ARG A 354 -26.69 53.42 -20.88
N HIS A 355 -27.16 53.94 -19.73
CA HIS A 355 -28.22 53.25 -18.96
C HIS A 355 -29.00 54.00 -17.84
N GLY A 356 -29.67 55.13 -18.11
CA GLY A 356 -29.40 56.03 -19.21
C GLY A 356 -28.66 57.23 -18.67
N ASN A 357 -28.57 57.33 -17.33
CA ASN A 357 -27.72 58.34 -16.69
C ASN A 357 -26.30 57.83 -16.49
N ARG A 358 -26.19 56.52 -16.29
CA ARG A 358 -24.90 55.87 -16.11
C ARG A 358 -24.20 55.64 -17.43
N PHE A 359 -22.95 56.04 -17.51
CA PHE A 359 -22.16 55.79 -18.69
C PHE A 359 -20.89 55.06 -18.33
N ILE A 360 -20.39 54.30 -19.28
CA ILE A 360 -19.07 53.71 -19.17
C ILE A 360 -18.43 53.91 -20.53
N LEU A 361 -17.44 54.81 -20.60
CA LEU A 361 -16.65 54.96 -21.80
C LEU A 361 -15.38 54.13 -21.67
N CYS A 362 -15.22 53.12 -22.53
CA CYS A 362 -14.00 52.32 -22.49
C CYS A 362 -13.08 52.75 -23.60
N VAL A 363 -11.82 52.99 -23.28
CA VAL A 363 -10.82 53.39 -24.28
C VAL A 363 -9.61 52.48 -24.09
N LEU A 364 -9.39 51.59 -25.05
CA LEU A 364 -8.31 50.59 -24.91
C LEU A 364 -7.08 50.88 -25.78
N ASN A 365 -5.91 50.47 -25.30
CA ASN A 365 -4.66 50.77 -25.98
C ASN A 365 -3.66 49.64 -25.87
N PRO A 366 -3.99 48.47 -26.47
CA PRO A 366 -3.20 47.25 -26.29
C PRO A 366 -1.75 47.38 -26.78
N LEU A 367 -1.47 48.41 -27.56
CA LEU A 367 -0.11 48.69 -28.02
C LEU A 367 0.75 49.32 -26.91
N LEU A 368 0.09 49.84 -25.87
CA LEU A 368 0.72 50.39 -24.65
C LEU A 368 1.45 51.72 -24.81
N GLU A 369 1.90 52.04 -26.04
CA GLU A 369 2.68 53.24 -26.27
C GLU A 369 1.78 54.47 -26.08
N ASN A 370 2.38 55.57 -25.62
CA ASN A 370 1.61 56.77 -25.30
C ASN A 370 1.15 57.47 -26.57
N THR A 371 -0.16 57.54 -26.73
CA THR A 371 -0.76 58.20 -27.88
C THR A 371 -1.91 59.06 -27.42
N SER A 372 -2.05 60.22 -28.05
CA SER A 372 -3.23 61.03 -27.83
C SER A 372 -4.24 60.67 -28.92
N VAL A 373 -5.47 60.38 -28.51
CA VAL A 373 -6.52 59.94 -29.41
C VAL A 373 -7.69 60.88 -29.22
N THR A 374 -8.38 61.24 -30.29
CA THR A 374 -9.59 62.00 -30.12
C THR A 374 -10.78 61.16 -30.54
N LEU A 375 -11.91 61.38 -29.89
CA LEU A 375 -13.10 60.57 -30.10
C LEU A 375 -14.24 61.46 -30.54
N ASP A 376 -15.16 60.89 -31.29
CA ASP A 376 -16.27 61.65 -31.85
C ASP A 376 -17.55 61.38 -31.08
N PHE A 377 -18.14 62.42 -30.50
CA PHE A 377 -19.41 62.28 -29.81
C PHE A 377 -20.52 63.11 -30.45
N SER A 378 -20.82 62.82 -31.71
CA SER A 378 -21.73 63.65 -32.48
C SER A 378 -23.21 63.55 -32.08
N GLY A 379 -23.79 62.36 -32.14
CA GLY A 379 -25.19 62.16 -31.75
C GLY A 379 -25.47 62.54 -30.29
N ILE A 380 -24.39 62.75 -29.55
CA ILE A 380 -24.33 63.29 -28.20
C ILE A 380 -22.88 63.01 -27.86
N TRP A 381 -22.19 63.92 -27.17
CA TRP A 381 -22.62 65.24 -26.73
C TRP A 381 -21.60 66.23 -27.32
N GLU A 382 -21.85 67.53 -27.24
CA GLU A 382 -20.90 68.47 -27.84
C GLU A 382 -20.03 69.29 -26.87
N ASN A 383 -20.56 69.62 -25.70
CA ASN A 383 -19.83 70.48 -24.79
C ASN A 383 -20.07 70.17 -23.31
N ILE A 384 -19.08 69.53 -22.66
CA ILE A 384 -19.08 69.20 -21.22
C ILE A 384 -17.67 68.88 -20.67
N CYS A 385 -17.54 68.86 -19.33
CA CYS A 385 -16.39 68.22 -18.69
C CYS A 385 -16.88 67.05 -17.83
N ILE A 386 -16.41 65.86 -18.16
CA ILE A 386 -16.81 64.62 -17.50
C ILE A 386 -15.79 64.22 -16.42
N HIS A 387 -16.29 63.98 -15.20
CA HIS A 387 -15.43 63.43 -14.15
C HIS A 387 -15.83 61.99 -13.92
N SER A 388 -14.89 61.08 -14.20
CA SER A 388 -15.17 59.65 -14.11
C SER A 388 -14.17 58.93 -13.23
N LYS A 389 -14.56 57.73 -12.81
CA LYS A 389 -13.63 56.83 -12.14
C LYS A 389 -13.24 55.69 -13.07
N ASN A 390 -11.96 55.60 -13.37
CA ASN A 390 -11.48 54.47 -14.13
C ASN A 390 -11.54 53.16 -13.34
N VAL A 391 -12.61 52.42 -13.56
CA VAL A 391 -12.82 51.09 -12.97
C VAL A 391 -11.56 50.18 -12.90
N PHE A 392 -10.74 50.18 -13.94
CA PHE A 392 -9.55 49.32 -14.03
C PHE A 392 -8.59 49.40 -12.84
N ASN A 393 -8.36 50.61 -12.34
CA ASN A 393 -7.34 50.81 -11.32
C ASN A 393 -7.77 51.77 -10.23
N ASP A 394 -9.05 52.16 -10.29
CA ASP A 394 -9.64 53.12 -9.37
C ASP A 394 -8.98 54.49 -9.42
N ASP A 395 -8.42 54.84 -10.58
CA ASP A 395 -7.91 56.19 -10.83
C ASP A 395 -9.07 57.15 -11.07
N ILE A 396 -8.72 58.42 -11.16
CA ILE A 396 -9.67 59.48 -11.47
C ILE A 396 -9.30 60.03 -12.87
N VAL A 397 -10.27 60.07 -13.77
CA VAL A 397 -10.01 60.50 -15.15
C VAL A 397 -11.04 61.55 -15.60
N ARG A 398 -10.56 62.71 -16.04
CA ARG A 398 -11.43 63.75 -16.55
C ARG A 398 -11.32 63.83 -18.07
N VAL A 399 -12.48 63.86 -18.74
CA VAL A 399 -12.52 64.03 -20.19
C VAL A 399 -13.38 65.24 -20.56
N SER A 400 -12.77 66.19 -21.27
CA SER A 400 -13.48 67.36 -21.74
C SER A 400 -13.83 67.19 -23.21
N VAL A 401 -15.11 67.31 -23.50
CA VAL A 401 -15.57 67.37 -24.88
C VAL A 401 -16.03 68.79 -25.20
N LYS A 402 -15.43 69.42 -26.21
CA LYS A 402 -15.70 70.82 -26.51
C LYS A 402 -15.86 71.14 -27.98
N ASN A 403 -16.26 70.13 -28.75
CA ASN A 403 -16.41 70.29 -30.20
C ASN A 403 -17.09 69.04 -30.73
N SER A 404 -17.92 68.46 -29.87
CA SER A 404 -18.46 67.10 -30.05
C SER A 404 -17.34 66.07 -30.07
N ARG A 405 -16.14 66.50 -29.68
CA ARG A 405 -14.95 65.66 -29.67
C ARG A 405 -14.22 65.72 -28.33
N ALA A 406 -13.35 64.75 -28.08
CA ALA A 406 -12.62 64.69 -26.82
C ALA A 406 -11.23 64.05 -26.99
N LYS A 407 -10.20 64.86 -26.75
CA LYS A 407 -8.82 64.42 -26.86
C LYS A 407 -8.34 63.75 -25.57
N ILE A 408 -7.89 62.51 -25.69
CA ILE A 408 -7.56 61.65 -24.55
C ILE A 408 -6.15 61.10 -24.70
N LYS A 409 -5.37 61.12 -23.62
CA LYS A 409 -4.06 60.47 -23.64
C LYS A 409 -4.23 59.04 -23.11
N VAL A 410 -3.59 58.08 -23.74
CA VAL A 410 -3.68 56.69 -23.29
C VAL A 410 -2.29 56.08 -23.15
N GLY A 411 -2.22 54.91 -22.53
CA GLY A 411 -0.97 54.17 -22.48
C GLY A 411 -0.92 53.17 -21.36
N ARG A 412 -0.47 51.96 -21.68
CA ARG A 412 -0.24 50.93 -20.66
C ARG A 412 -1.46 50.54 -19.85
N GLU A 413 -2.24 51.51 -19.39
CA GLU A 413 -3.42 51.19 -18.61
C GLU A 413 -4.74 51.46 -19.35
N PRO A 414 -5.58 50.43 -19.45
CA PRO A 414 -6.91 50.63 -20.06
C PRO A 414 -7.75 51.64 -19.31
N LEU A 415 -8.56 52.38 -20.05
CA LEU A 415 -9.52 53.28 -19.46
C LEU A 415 -10.90 52.63 -19.53
N ILE A 416 -11.51 52.41 -18.37
CA ILE A 416 -12.87 51.93 -18.27
C ILE A 416 -13.53 53.02 -17.48
N LEU A 417 -14.01 54.03 -18.17
CA LEU A 417 -14.37 55.30 -17.52
C LEU A 417 -15.84 55.33 -17.12
N SER A 418 -16.11 54.94 -15.88
CA SER A 418 -17.47 54.91 -15.36
C SER A 418 -17.87 56.27 -14.81
N PHE A 419 -19.05 56.75 -15.20
CA PHE A 419 -19.52 58.05 -14.75
C PHE A 419 -21.03 58.21 -14.89
N VAL A 420 -21.54 59.34 -14.43
CA VAL A 420 -22.97 59.59 -14.46
C VAL A 420 -23.28 61.05 -14.74
N LEU A 421 -24.16 61.28 -15.72
CA LEU A 421 -24.70 62.60 -16.01
C LEU A 421 -26.12 62.69 -15.47
N TYR A 422 -26.28 63.52 -14.43
CA TYR A 422 -27.54 63.72 -13.66
C TYR A 422 -27.73 62.69 -12.55
N MET B 1 27.30 -17.25 17.73
CA MET B 1 26.06 -17.11 16.97
C MET B 1 24.90 -16.97 17.94
N ASN B 2 23.69 -17.02 17.41
CA ASN B 2 22.51 -17.07 18.27
C ASN B 2 22.16 -18.52 18.54
N LEU B 3 22.43 -18.97 19.77
CA LEU B 3 22.14 -20.33 20.18
C LEU B 3 20.64 -20.54 20.27
N LYS B 4 19.87 -19.45 20.38
CA LYS B 4 18.41 -19.55 20.33
C LYS B 4 17.87 -20.04 18.96
N ASN B 5 18.70 -20.03 17.92
CA ASN B 5 18.29 -20.51 16.59
C ASN B 5 18.43 -22.02 16.40
N LEU B 6 19.03 -22.70 17.38
CA LEU B 6 19.23 -24.14 17.27
C LEU B 6 17.93 -24.92 17.43
N ILE B 7 17.77 -25.92 16.57
CA ILE B 7 16.84 -26.99 16.86
C ILE B 7 17.51 -28.38 16.66
N ILE B 8 17.47 -29.17 17.73
CA ILE B 8 18.38 -30.28 17.93
C ILE B 8 17.72 -31.66 17.80
N TYR B 9 18.42 -32.58 17.14
CA TYR B 9 17.98 -33.96 17.00
C TYR B 9 18.99 -34.86 17.70
N GLU B 10 18.55 -35.60 18.72
CA GLU B 10 19.41 -36.59 19.37
C GLU B 10 19.34 -37.88 18.57
N ALA B 11 20.50 -38.29 18.06
CA ALA B 11 20.58 -39.46 17.19
C ALA B 11 21.37 -40.58 17.82
N PHE B 12 20.78 -41.77 17.79
CA PHE B 12 21.43 -42.95 18.32
C PHE B 12 21.97 -43.75 17.13
N ALA B 13 23.18 -43.40 16.71
CA ALA B 13 23.74 -43.88 15.44
C ALA B 13 23.93 -45.37 15.41
N ARG B 14 24.35 -45.94 16.55
CA ARG B 14 24.52 -47.37 16.66
C ARG B 14 23.23 -48.11 16.34
N ALA B 15 22.10 -47.48 16.67
CA ALA B 15 20.81 -48.11 16.50
C ALA B 15 20.10 -47.63 15.25
N TYR B 16 20.79 -46.83 14.46
CA TYR B 16 20.20 -46.34 13.22
C TYR B 16 19.86 -47.48 12.25
N PRO B 17 18.84 -47.28 11.40
CA PRO B 17 18.53 -48.21 10.30
C PRO B 17 19.70 -48.35 9.35
N GLY B 18 19.79 -49.51 8.70
CA GLY B 18 20.91 -49.79 7.81
C GLY B 18 21.71 -50.96 8.34
N GLU B 19 22.92 -51.13 7.84
CA GLU B 19 23.74 -52.28 8.20
C GLU B 19 24.85 -51.89 9.17
N LYS B 20 25.30 -52.87 9.95
CA LYS B 20 26.44 -52.71 10.84
C LYS B 20 27.67 -52.19 10.10
N GLY B 21 28.45 -51.35 10.77
CA GLY B 21 29.65 -50.78 10.18
C GLY B 21 29.30 -49.65 9.23
N LYS B 22 28.02 -49.51 8.94
CA LYS B 22 27.57 -48.56 7.92
C LYS B 22 26.54 -47.55 8.45
N LYS B 23 26.42 -47.46 9.78
CA LYS B 23 25.42 -46.58 10.41
C LYS B 23 25.66 -45.08 10.20
N PHE B 24 26.90 -44.63 10.13
CA PHE B 24 27.18 -43.25 9.83
C PHE B 24 26.85 -42.92 8.37
N LEU B 25 26.94 -43.91 7.48
CA LEU B 25 26.51 -43.73 6.12
C LEU B 25 25.00 -43.48 6.10
N SER B 26 24.28 -44.23 6.92
CA SER B 26 22.84 -44.09 7.03
C SER B 26 22.49 -42.72 7.60
N LEU B 27 23.27 -42.26 8.56
CA LEU B 27 23.01 -40.94 9.13
C LEU B 27 23.23 -39.85 8.10
N GLU B 28 24.30 -39.98 7.31
CA GLU B 28 24.60 -39.02 6.24
C GLU B 28 23.40 -38.84 5.34
N LYS B 29 22.90 -39.95 4.79
CA LYS B 29 21.67 -39.88 3.99
C LYS B 29 20.53 -39.19 4.73
N ASP B 30 20.45 -39.46 6.04
CA ASP B 30 19.33 -38.97 6.85
C ASP B 30 19.38 -37.49 7.10
N LEU B 31 20.54 -36.88 6.87
CA LEU B 31 20.71 -35.44 7.04
C LEU B 31 19.66 -34.64 6.28
N GLU B 32 19.33 -35.08 5.08
CA GLU B 32 18.39 -34.34 4.26
C GLU B 32 17.01 -34.44 4.87
N ARG B 33 16.64 -35.62 5.36
CA ARG B 33 15.36 -35.78 6.02
C ARG B 33 15.28 -34.87 7.25
N LEU B 34 16.32 -34.93 8.10
CA LEU B 34 16.43 -34.05 9.25
C LEU B 34 16.34 -32.57 8.85
N LYS B 35 17.16 -32.14 7.91
CA LYS B 35 17.18 -30.75 7.44
C LYS B 35 15.82 -30.27 6.88
N GLY B 36 15.13 -31.13 6.15
CA GLY B 36 13.84 -30.77 5.60
C GLY B 36 12.74 -30.85 6.62
N MET B 37 13.08 -31.33 7.82
CA MET B 37 12.11 -31.39 8.89
C MET B 37 12.31 -30.19 9.84
N GLY B 38 13.39 -29.44 9.64
CA GLY B 38 13.64 -28.24 10.42
C GLY B 38 14.78 -28.39 11.42
N ILE B 39 15.57 -29.44 11.27
CA ILE B 39 16.69 -29.70 12.17
C ILE B 39 17.97 -28.98 11.70
N ASN B 40 18.67 -28.32 12.60
CA ASN B 40 19.94 -27.69 12.23
C ASN B 40 21.11 -28.21 13.02
N THR B 41 20.81 -28.94 14.08
CA THR B 41 21.86 -29.56 14.89
C THR B 41 21.53 -31.03 15.15
N VAL B 42 22.51 -31.89 14.93
CA VAL B 42 22.34 -33.26 15.38
C VAL B 42 23.27 -33.55 16.56
N TRP B 43 22.67 -34.05 17.64
CA TRP B 43 23.36 -34.35 18.89
C TRP B 43 23.56 -35.84 18.92
N LEU B 44 24.81 -36.26 18.83
CA LEU B 44 25.12 -37.68 18.76
C LEU B 44 25.33 -38.24 20.15
N MET B 45 24.59 -39.30 20.48
CA MET B 45 24.88 -40.08 21.66
C MET B 45 26.32 -40.59 21.54
N PRO B 46 26.93 -41.08 22.64
CA PRO B 46 28.31 -41.58 22.51
C PRO B 46 28.47 -42.65 21.42
N ILE B 47 29.54 -42.53 20.65
CA ILE B 47 29.77 -43.39 19.50
C ILE B 47 31.02 -44.24 19.65
N HIS B 48 31.47 -44.42 20.89
CA HIS B 48 32.73 -45.12 21.17
C HIS B 48 32.49 -46.61 21.41
N PRO B 49 33.54 -47.43 21.26
CA PRO B 49 33.40 -48.83 21.70
C PRO B 49 33.03 -48.90 23.20
N THR B 50 32.21 -49.90 23.49
CA THR B 50 31.69 -50.15 24.81
C THR B 50 32.58 -51.14 25.57
N GLY B 51 32.76 -50.90 26.88
CA GLY B 51 33.42 -51.85 27.75
C GLY B 51 32.90 -53.28 27.65
N VAL B 52 33.80 -54.25 27.74
CA VAL B 52 33.43 -55.65 27.56
C VAL B 52 33.25 -56.29 28.94
N GLU B 53 34.26 -56.15 29.78
CA GLU B 53 34.14 -56.54 31.17
C GLU B 53 33.18 -55.59 31.88
N GLY B 54 32.16 -56.16 32.50
CA GLY B 54 31.15 -55.38 33.17
C GLY B 54 29.97 -55.00 32.28
N ARG B 55 30.07 -55.31 30.99
CA ARG B 55 29.09 -54.91 29.98
C ARG B 55 27.64 -55.27 30.31
N LYS B 56 26.73 -54.35 30.05
CA LYS B 56 25.33 -54.65 30.21
C LYS B 56 24.72 -54.92 28.84
N GLY B 57 23.96 -56.00 28.72
CA GLY B 57 23.45 -56.41 27.42
C GLY B 57 24.54 -56.89 26.48
N THR B 58 24.17 -57.19 25.24
CA THR B 58 25.10 -57.77 24.25
C THR B 58 26.02 -56.75 23.58
N LEU B 59 25.60 -55.48 23.59
CA LEU B 59 26.40 -54.41 23.01
C LEU B 59 26.96 -53.48 24.09
N GLY B 60 26.20 -53.28 25.15
CA GLY B 60 26.63 -52.40 26.23
C GLY B 60 26.15 -50.96 26.10
N SER B 61 26.06 -50.25 27.22
CA SER B 61 25.60 -48.88 27.19
C SER B 61 26.66 -48.01 26.53
N PRO B 62 26.24 -47.03 25.72
CA PRO B 62 27.27 -46.20 25.10
C PRO B 62 27.89 -45.26 26.12
N TYR B 63 27.34 -45.26 27.34
CA TYR B 63 27.86 -44.41 28.41
C TYR B 63 28.95 -45.08 29.23
N ALA B 64 29.23 -46.35 28.93
CA ALA B 64 30.40 -47.05 29.44
C ALA B 64 31.43 -47.15 28.33
N ILE B 65 32.35 -46.18 28.29
CA ILE B 65 33.23 -45.98 27.14
C ILE B 65 34.59 -46.64 27.34
N ARG B 66 34.95 -47.54 26.42
CA ARG B 66 36.21 -48.27 26.49
C ARG B 66 37.38 -47.48 25.90
N ASP B 67 37.07 -46.52 25.03
CA ASP B 67 38.13 -45.81 24.32
C ASP B 67 37.64 -44.49 23.73
N TYR B 68 38.07 -43.37 24.31
CA TYR B 68 37.59 -42.05 23.89
C TYR B 68 38.14 -41.60 22.54
N TYR B 69 39.07 -42.37 21.97
CA TYR B 69 39.68 -42.01 20.69
C TYR B 69 39.19 -42.86 19.53
N GLU B 70 38.27 -43.77 19.80
CA GLU B 70 37.86 -44.72 18.77
C GLU B 70 36.35 -44.66 18.50
N ILE B 71 35.92 -45.17 17.36
CA ILE B 71 34.49 -45.24 17.07
C ILE B 71 34.05 -46.69 16.93
N ASP B 72 33.04 -47.09 17.69
CA ASP B 72 32.50 -48.46 17.62
C ASP B 72 32.28 -48.86 16.14
N LEU B 73 33.01 -49.86 15.66
CA LEU B 73 32.88 -50.21 14.23
C LEU B 73 31.64 -51.03 13.87
N LEU B 74 30.79 -51.34 14.83
CA LEU B 74 29.43 -51.75 14.53
C LEU B 74 28.61 -50.51 14.14
N ILE B 75 29.21 -49.33 14.30
CA ILE B 75 28.59 -48.08 13.87
C ILE B 75 29.19 -47.63 12.55
N GLY B 76 30.52 -47.45 12.54
CA GLY B 76 31.19 -46.91 11.39
C GLY B 76 32.66 -46.70 11.64
N THR B 77 33.35 -46.11 10.66
CA THR B 77 34.78 -45.86 10.74
C THR B 77 34.97 -44.37 10.87
N LYS B 78 36.19 -43.93 11.17
CA LYS B 78 36.45 -42.51 11.32
C LYS B 78 36.26 -41.80 9.99
N GLY B 79 36.56 -42.51 8.91
CA GLY B 79 36.30 -42.04 7.56
C GLY B 79 34.83 -41.80 7.35
N ASP B 80 33.99 -42.74 7.76
CA ASP B 80 32.53 -42.61 7.64
C ASP B 80 32.01 -41.41 8.42
N PHE B 81 32.60 -41.18 9.58
CA PHE B 81 32.18 -40.10 10.48
C PHE B 81 32.56 -38.74 9.92
N LYS B 82 33.77 -38.65 9.38
CA LYS B 82 34.33 -37.39 8.89
C LYS B 82 33.53 -36.90 7.69
N LYS B 83 32.98 -37.84 6.92
CA LYS B 83 32.17 -37.51 5.76
C LYS B 83 30.80 -37.00 6.20
N PHE B 84 30.24 -37.72 7.17
CA PHE B 84 28.98 -37.34 7.80
C PHE B 84 29.01 -35.91 8.34
N VAL B 85 30.11 -35.51 8.97
CA VAL B 85 30.14 -34.17 9.54
C VAL B 85 30.39 -33.14 8.45
N LYS B 86 31.08 -33.56 7.39
CA LYS B 86 31.34 -32.68 6.24
C LYS B 86 30.06 -32.48 5.43
N ARG B 87 29.28 -33.54 5.30
CA ARG B 87 27.95 -33.44 4.71
C ARG B 87 27.06 -32.51 5.52
N ALA B 88 27.08 -32.66 6.84
CA ALA B 88 26.29 -31.80 7.74
C ALA B 88 26.57 -30.32 7.51
N HIS B 89 27.85 -30.00 7.34
CA HIS B 89 28.25 -28.62 7.15
C HIS B 89 27.75 -27.97 5.84
N GLU B 90 27.87 -28.70 4.73
CA GLU B 90 27.35 -28.28 3.45
C GLU B 90 25.87 -27.92 3.56
N LEU B 91 25.15 -28.72 4.33
CA LEU B 91 23.74 -28.47 4.61
C LEU B 91 23.58 -27.46 5.74
N ASN B 92 24.69 -26.84 6.15
CA ASN B 92 24.70 -25.85 7.23
C ASN B 92 24.19 -26.31 8.61
N MET B 93 24.45 -27.57 8.91
CA MET B 93 24.08 -28.13 10.21
C MET B 93 25.28 -28.34 11.10
N TYR B 94 25.01 -28.58 12.37
CA TYR B 94 26.07 -28.77 13.34
C TYR B 94 25.99 -30.16 13.90
N VAL B 95 27.16 -30.72 14.18
CA VAL B 95 27.26 -32.00 14.86
C VAL B 95 27.88 -31.80 16.24
N LEU B 96 27.20 -32.35 17.23
CA LEU B 96 27.64 -32.32 18.61
C LEU B 96 27.92 -33.75 19.07
N MET B 97 29.04 -33.96 19.76
CA MET B 97 29.39 -35.29 20.27
C MET B 97 29.11 -35.36 21.77
N ASP B 98 28.69 -36.53 22.23
CA ASP B 98 28.33 -36.70 23.61
C ASP B 98 29.57 -37.07 24.45
N MET B 99 29.94 -36.19 25.39
CA MET B 99 31.17 -36.33 26.18
C MET B 99 30.97 -36.87 27.60
N VAL B 100 31.21 -38.15 27.80
CA VAL B 100 31.01 -38.77 29.11
C VAL B 100 32.33 -38.96 29.82
N LEU B 101 32.78 -37.94 30.53
CA LEU B 101 34.14 -37.94 31.06
C LEU B 101 34.22 -38.02 32.59
N ASN B 102 33.10 -38.30 33.24
CA ASN B 102 33.14 -38.49 34.69
C ASN B 102 33.55 -39.90 35.05
N HIS B 103 33.05 -40.85 34.27
CA HIS B 103 33.37 -42.26 34.47
C HIS B 103 33.63 -42.92 33.11
N ALA B 104 34.46 -43.95 33.14
CA ALA B 104 34.82 -44.70 31.94
C ALA B 104 34.47 -46.16 32.20
N ALA B 105 34.45 -46.97 31.14
CA ALA B 105 34.28 -48.41 31.31
C ALA B 105 35.37 -48.96 32.22
N VAL B 106 35.01 -49.99 32.99
CA VAL B 106 35.96 -50.70 33.85
C VAL B 106 37.25 -51.10 33.15
N ASP B 107 37.12 -51.48 31.87
CA ASP B 107 38.28 -51.86 31.06
C ASP B 107 38.58 -50.87 29.95
N ASN B 108 38.35 -49.58 30.21
CA ASN B 108 38.82 -48.51 29.32
C ASN B 108 40.33 -48.68 29.19
N VAL B 109 40.89 -48.37 28.04
CA VAL B 109 42.32 -48.54 27.85
C VAL B 109 43.15 -47.72 28.84
N LEU B 110 42.49 -46.85 29.61
CA LEU B 110 43.16 -45.94 30.53
C LEU B 110 43.37 -46.52 31.94
N VAL B 111 42.67 -47.60 32.27
CA VAL B 111 42.83 -48.22 33.58
C VAL B 111 44.14 -49.03 33.63
N LYS B 112 44.55 -49.58 32.49
CA LYS B 112 45.83 -50.26 32.39
C LYS B 112 46.97 -49.29 32.65
N LYS B 113 46.95 -48.14 31.99
CA LYS B 113 48.10 -47.24 31.98
C LYS B 113 48.13 -46.21 33.09
N HIS B 114 46.97 -45.77 33.54
CA HIS B 114 46.91 -44.74 34.57
C HIS B 114 45.81 -45.00 35.57
N PRO B 115 46.04 -45.98 36.48
CA PRO B 115 45.04 -46.29 37.50
C PRO B 115 44.90 -45.10 38.43
N GLU B 116 45.95 -44.28 38.49
CA GLU B 116 46.00 -43.15 39.41
C GLU B 116 45.22 -41.93 38.87
N TRP B 117 44.67 -42.06 37.68
CA TRP B 117 43.76 -41.07 37.12
C TRP B 117 42.36 -41.41 37.60
N PHE B 118 42.23 -42.53 38.30
CA PHE B 118 40.93 -43.03 38.74
C PHE B 118 40.77 -43.00 40.25
N LEU B 119 39.52 -43.02 40.71
CA LEU B 119 39.23 -43.24 42.12
C LEU B 119 39.43 -44.71 42.42
N ARG B 120 40.27 -45.01 43.40
CA ARG B 120 40.51 -46.40 43.76
C ARG B 120 40.12 -46.66 45.20
N ASP B 121 39.86 -47.92 45.50
CA ASP B 121 39.52 -48.37 46.85
C ASP B 121 40.79 -48.64 47.65
N GLU B 122 40.61 -49.14 48.88
CA GLU B 122 41.71 -49.44 49.79
C GLU B 122 42.48 -50.67 49.34
N ASN B 123 42.70 -50.76 48.03
CA ASN B 123 43.48 -51.83 47.41
C ASN B 123 44.29 -51.29 46.22
N GLY B 124 43.95 -50.08 45.80
CA GLY B 124 44.64 -49.42 44.71
C GLY B 124 44.00 -49.68 43.36
N ASN B 125 42.88 -50.38 43.37
CA ASN B 125 42.16 -50.69 42.13
C ASN B 125 41.06 -49.66 41.84
N PRO B 126 41.01 -49.15 40.59
CA PRO B 126 39.95 -48.19 40.20
C PRO B 126 38.54 -48.71 40.48
N THR B 127 37.74 -47.84 41.09
CA THR B 127 36.42 -48.22 41.57
C THR B 127 35.35 -47.18 41.24
N ARG B 128 34.11 -47.63 41.37
CA ARG B 128 32.96 -46.76 41.25
C ARG B 128 32.70 -46.24 42.65
N LYS B 129 32.14 -45.04 42.75
CA LYS B 129 31.55 -44.60 44.00
C LYS B 129 30.10 -45.06 43.92
N VAL B 130 29.51 -45.43 45.06
CA VAL B 130 28.12 -45.89 45.15
C VAL B 130 27.79 -47.19 44.41
N SER B 134 27.92 -51.10 37.43
CA SER B 134 29.09 -51.95 37.66
C SER B 134 29.99 -52.04 36.42
N ASP B 135 29.49 -51.52 35.30
CA ASP B 135 30.25 -51.52 34.05
C ASP B 135 31.25 -50.38 34.01
N VAL B 136 31.17 -49.50 34.99
CA VAL B 136 31.84 -48.22 34.85
C VAL B 136 32.68 -47.87 36.09
N VAL B 137 33.72 -47.06 35.91
CA VAL B 137 34.61 -46.67 37.00
C VAL B 137 34.88 -45.15 37.00
N ASP B 138 35.03 -44.56 38.20
CA ASP B 138 35.09 -43.10 38.34
C ASP B 138 36.48 -42.50 38.17
N PHE B 139 36.51 -41.33 37.56
CA PHE B 139 37.75 -40.61 37.33
C PHE B 139 38.10 -39.76 38.54
N ASP B 140 39.39 -39.66 38.83
CA ASP B 140 39.86 -38.75 39.85
C ASP B 140 40.39 -37.46 39.23
N TYR B 141 39.63 -36.39 39.42
CA TYR B 141 39.91 -35.13 38.75
C TYR B 141 40.90 -34.23 39.49
N SER B 142 41.53 -34.78 40.53
CA SER B 142 42.63 -34.09 41.18
C SER B 142 43.84 -34.20 40.27
N ASN B 143 43.85 -35.23 39.44
CA ASN B 143 44.96 -35.50 38.55
C ASN B 143 45.06 -34.56 37.34
N GLY B 144 46.17 -33.82 37.28
CA GLY B 144 46.40 -32.86 36.22
C GLY B 144 46.57 -33.49 34.86
N GLU B 145 47.30 -34.61 34.81
CA GLU B 145 47.49 -35.36 33.58
C GLU B 145 46.14 -35.76 32.99
N LEU B 146 45.26 -36.32 33.83
CA LEU B 146 43.92 -36.69 33.41
C LEU B 146 43.20 -35.50 32.77
N ARG B 147 43.36 -34.33 33.38
CA ARG B 147 42.69 -33.13 32.89
C ARG B 147 43.28 -32.60 31.57
N GLU B 148 44.57 -32.87 31.35
CA GLU B 148 45.19 -32.52 30.07
C GLU B 148 44.75 -33.48 28.96
N TYR B 149 44.68 -34.75 29.31
CA TYR B 149 44.31 -35.82 28.39
C TYR B 149 42.95 -35.56 27.79
N MET B 150 41.97 -35.29 28.66
CA MET B 150 40.61 -35.06 28.23
C MET B 150 40.51 -33.80 27.36
N ILE B 151 41.26 -32.76 27.69
CA ILE B 151 41.26 -31.57 26.87
C ILE B 151 41.86 -31.83 25.46
N ASN B 152 42.98 -32.53 25.39
CA ASN B 152 43.54 -32.88 24.08
C ASN B 152 42.65 -33.84 23.30
N MET B 153 41.96 -34.74 24.01
CA MET B 153 41.06 -35.68 23.37
C MET B 153 39.88 -34.95 22.76
N MET B 154 39.40 -33.92 23.43
CA MET B 154 38.31 -33.13 22.88
C MET B 154 38.81 -32.34 21.68
N ARG B 155 40.00 -31.78 21.86
CA ARG B 155 40.67 -30.99 20.84
C ARG B 155 41.02 -31.84 19.61
N TYR B 156 41.23 -33.12 19.83
CA TYR B 156 41.40 -34.05 18.72
C TYR B 156 40.14 -34.01 17.89
N TRP B 157 39.06 -34.53 18.46
CA TRP B 157 37.75 -34.52 17.84
C TRP B 157 37.34 -33.20 17.15
N VAL B 158 37.70 -32.05 17.71
CA VAL B 158 37.38 -30.80 17.03
C VAL B 158 38.31 -30.54 15.84
N GLU B 159 39.61 -30.55 16.08
CA GLU B 159 40.56 -30.29 15.02
C GLU B 159 40.45 -31.29 13.86
N GLU B 160 40.39 -32.58 14.20
CA GLU B 160 40.45 -33.63 13.20
C GLU B 160 39.12 -33.99 12.54
N PHE B 161 38.00 -33.75 13.23
CA PHE B 161 36.69 -34.08 12.67
C PHE B 161 35.77 -32.85 12.56
N ASP B 162 36.26 -31.71 13.00
CA ASP B 162 35.51 -30.46 12.87
C ASP B 162 34.08 -30.49 13.44
N VAL B 163 33.87 -31.28 14.50
CA VAL B 163 32.57 -31.28 15.19
C VAL B 163 32.35 -29.93 15.86
N ASP B 164 31.12 -29.66 16.29
CA ASP B 164 30.74 -28.29 16.55
C ASP B 164 30.50 -27.98 18.00
N GLY B 165 30.60 -29.00 18.84
CA GLY B 165 30.41 -28.80 20.26
C GLY B 165 30.16 -30.12 20.93
N PHE B 166 29.86 -30.07 22.23
CA PHE B 166 29.69 -31.28 23.02
C PHE B 166 28.49 -31.21 23.95
N ARG B 167 27.88 -32.35 24.21
CA ARG B 167 27.00 -32.48 25.36
C ARG B 167 27.85 -33.20 26.41
N CYS B 168 28.07 -32.54 27.54
CA CYS B 168 28.93 -33.07 28.60
C CYS B 168 28.15 -33.61 29.79
N ASP B 169 28.48 -34.83 30.24
CA ASP B 169 28.05 -35.30 31.55
C ASP B 169 28.86 -34.59 32.63
N VAL B 170 28.17 -33.99 33.60
CA VAL B 170 28.80 -33.08 34.54
C VAL B 170 28.57 -33.52 36.01
N ALA B 171 27.70 -34.51 36.17
CA ALA B 171 27.41 -35.13 37.45
C ALA B 171 28.67 -35.72 38.09
N GLY B 172 28.64 -35.88 39.41
CA GLY B 172 29.75 -36.49 40.12
C GLY B 172 30.88 -35.52 40.38
N LEU B 173 32.05 -36.08 40.64
CA LEU B 173 33.24 -35.34 41.07
C LEU B 173 34.08 -34.79 39.90
N VAL B 174 33.45 -34.01 39.04
CA VAL B 174 34.18 -33.23 38.04
C VAL B 174 33.94 -31.77 38.39
N PRO B 175 35.01 -31.04 38.74
CA PRO B 175 34.81 -29.66 39.14
C PRO B 175 34.51 -28.72 37.96
N LEU B 176 33.77 -27.65 38.25
CA LEU B 176 33.51 -26.60 37.28
C LEU B 176 34.83 -26.05 36.72
N ASP B 177 35.87 -25.97 37.53
CA ASP B 177 37.18 -25.51 37.05
C ASP B 177 37.81 -26.34 35.92
N PHE B 178 37.39 -27.60 35.75
CA PHE B 178 37.86 -28.37 34.59
C PHE B 178 37.11 -27.96 33.33
N TRP B 179 35.80 -27.76 33.45
CA TRP B 179 35.02 -27.28 32.33
C TRP B 179 35.49 -25.89 31.92
N LEU B 180 35.76 -25.03 32.90
CA LEU B 180 36.34 -23.73 32.61
C LEU B 180 37.68 -23.89 31.91
N GLN B 181 38.46 -24.86 32.35
CA GLN B 181 39.78 -25.12 31.78
C GLN B 181 39.67 -25.58 30.33
N ALA B 182 38.70 -26.45 30.06
CA ALA B 182 38.45 -26.92 28.71
C ALA B 182 38.10 -25.76 27.78
N ARG B 183 37.13 -24.93 28.18
CA ARG B 183 36.73 -23.75 27.42
C ARG B 183 37.93 -22.88 27.04
N LYS B 184 38.85 -22.71 27.98
CA LYS B 184 40.04 -21.89 27.77
C LYS B 184 40.92 -22.44 26.68
N ASN B 185 41.11 -23.76 26.69
CA ASN B 185 41.94 -24.40 25.67
C ASN B 185 41.30 -24.47 24.29
N LEU B 186 39.98 -24.52 24.26
CA LEU B 186 39.27 -24.85 23.04
C LEU B 186 38.63 -23.67 22.31
N ASP B 187 38.17 -22.67 23.04
CA ASP B 187 37.63 -21.45 22.40
C ASP B 187 38.59 -20.77 21.42
N PRO B 188 39.89 -20.67 21.75
CA PRO B 188 40.84 -20.20 20.74
C PRO B 188 40.89 -21.08 19.49
N VAL B 189 40.73 -22.39 19.65
CA VAL B 189 40.69 -23.32 18.52
C VAL B 189 39.43 -23.13 17.69
N LYS B 190 38.27 -23.15 18.35
CA LYS B 190 36.99 -23.00 17.68
C LYS B 190 35.92 -22.64 18.71
N ARG B 191 35.10 -21.65 18.41
CA ARG B 191 33.97 -21.31 19.27
C ARG B 191 32.94 -22.42 19.13
N LEU B 192 32.73 -23.16 20.23
CA LEU B 192 31.92 -24.37 20.17
C LEU B 192 30.57 -24.19 20.82
N ILE B 193 29.69 -25.17 20.61
CA ILE B 193 28.42 -25.24 21.30
C ILE B 193 28.53 -26.12 22.56
N TRP B 194 28.38 -25.51 23.72
CA TRP B 194 28.62 -26.20 24.99
C TRP B 194 27.37 -26.48 25.80
N ILE B 195 27.04 -27.77 25.92
CA ILE B 195 25.80 -28.20 26.57
C ILE B 195 26.08 -29.14 27.72
N SER B 196 25.25 -29.09 28.75
CA SER B 196 25.34 -30.02 29.86
C SER B 196 23.96 -30.33 30.45
N GLU B 197 23.88 -31.36 31.29
CA GLU B 197 22.65 -31.60 32.03
C GLU B 197 22.82 -31.18 33.50
N THR B 198 22.24 -30.04 33.86
CA THR B 198 22.45 -29.48 35.19
C THR B 198 21.40 -28.42 35.50
N HIS B 199 21.20 -28.16 36.80
CA HIS B 199 20.40 -27.00 37.24
C HIS B 199 21.19 -26.15 38.23
N ASP B 200 22.50 -26.35 38.18
CA ASP B 200 23.44 -25.54 38.92
C ASP B 200 23.68 -24.34 38.03
N PRO B 201 23.17 -23.17 38.44
CA PRO B 201 23.22 -21.97 37.60
C PRO B 201 24.64 -21.51 37.40
N TYR B 202 25.54 -22.01 38.25
CA TYR B 202 26.95 -21.66 38.14
C TYR B 202 27.58 -22.26 36.87
N MET B 203 26.96 -23.30 36.31
CA MET B 203 27.50 -24.00 35.14
C MET B 203 27.50 -23.14 33.87
N TYR B 204 26.74 -22.04 33.89
CA TYR B 204 26.67 -21.16 32.74
C TYR B 204 27.93 -20.33 32.54
N GLN B 205 28.91 -20.51 33.41
CA GLN B 205 30.19 -19.85 33.22
C GLN B 205 30.96 -20.63 32.19
N ALA B 206 30.65 -21.92 32.09
CA ALA B 206 31.33 -22.81 31.17
C ALA B 206 30.44 -23.22 29.99
N PHE B 207 29.14 -23.36 30.24
CA PHE B 207 28.19 -23.83 29.23
C PHE B 207 27.22 -22.76 28.74
N ASP B 208 26.83 -22.88 27.47
CA ASP B 208 25.85 -21.99 26.87
C ASP B 208 24.43 -22.51 27.04
N ILE B 209 24.25 -23.83 26.95
CA ILE B 209 22.92 -24.42 27.06
C ILE B 209 22.89 -25.57 28.07
N THR B 210 21.83 -25.62 28.88
CA THR B 210 21.68 -26.75 29.78
C THR B 210 20.27 -27.27 29.66
N TYR B 211 20.05 -28.49 30.14
CA TYR B 211 18.70 -29.02 30.38
C TYR B 211 18.74 -29.72 31.72
N ASP B 212 17.58 -30.01 32.26
CA ASP B 212 17.50 -30.73 33.51
C ASP B 212 16.12 -31.35 33.56
N TYR B 213 15.85 -32.13 34.59
CA TYR B 213 14.60 -32.87 34.68
C TYR B 213 13.64 -32.27 35.71
N ASP B 214 14.00 -31.13 36.27
CA ASP B 214 13.11 -30.45 37.20
C ASP B 214 11.78 -30.11 36.49
N GLY B 215 11.87 -29.38 35.38
CA GLY B 215 10.73 -29.16 34.51
C GLY B 215 10.12 -30.48 34.08
N TYR B 216 10.94 -31.32 33.47
CA TYR B 216 10.49 -32.59 32.87
C TYR B 216 9.63 -33.49 33.78
N TYR B 217 10.05 -33.69 35.02
CA TYR B 217 9.27 -34.53 35.93
C TYR B 217 7.96 -33.92 36.37
N ARG B 218 7.90 -32.59 36.49
CA ARG B 218 6.63 -31.94 36.80
C ARG B 218 5.70 -32.09 35.59
N PHE B 219 6.32 -32.04 34.42
CA PHE B 219 5.63 -32.28 33.15
C PHE B 219 5.07 -33.69 33.10
N ARG B 220 5.92 -34.69 33.36
CA ARG B 220 5.48 -36.08 33.51
C ARG B 220 4.38 -36.28 34.56
N ASP B 221 4.51 -35.62 35.71
CA ASP B 221 3.52 -35.73 36.77
C ASP B 221 2.14 -35.22 36.38
N PHE B 222 2.08 -34.20 35.52
CA PHE B 222 0.79 -33.69 35.06
C PHE B 222 0.15 -34.63 34.04
N ILE B 223 0.99 -35.08 33.11
CA ILE B 223 0.57 -36.00 32.07
C ILE B 223 0.11 -37.33 32.64
N GLU B 224 0.70 -37.76 33.75
CA GLU B 224 0.35 -39.06 34.30
C GLU B 224 -0.80 -38.98 35.30
N GLY B 225 -1.35 -37.77 35.45
CA GLY B 225 -2.47 -37.54 36.34
C GLY B 225 -2.08 -37.42 37.81
N LYS B 226 -0.77 -37.41 38.07
CA LYS B 226 -0.26 -37.37 39.45
C LYS B 226 -0.41 -36.00 40.07
N ASN B 227 -0.09 -34.95 39.32
CA ASN B 227 -0.01 -33.61 39.91
C ASN B 227 -0.43 -32.49 38.95
N SER B 228 -0.38 -31.24 39.43
CA SER B 228 -0.96 -30.12 38.67
C SER B 228 -0.15 -29.57 37.48
N LEU B 229 -0.86 -29.22 36.41
CA LEU B 229 -0.25 -28.50 35.29
C LEU B 229 0.50 -27.27 35.80
N ARG B 230 -0.07 -26.63 36.83
CA ARG B 230 0.51 -25.38 37.30
C ARG B 230 1.90 -25.50 37.91
N GLU B 231 2.20 -26.67 38.48
CA GLU B 231 3.56 -26.99 38.93
C GLU B 231 4.57 -26.90 37.78
N TYR B 232 4.16 -27.30 36.58
CA TYR B 232 5.05 -27.24 35.43
C TYR B 232 5.18 -25.81 34.89
N ILE B 233 4.06 -25.10 34.82
CA ILE B 233 4.08 -23.77 34.23
C ILE B 233 4.66 -22.71 35.17
N ASP B 234 4.28 -22.73 36.45
CA ASP B 234 4.85 -21.81 37.43
C ASP B 234 6.35 -22.02 37.54
N PHE B 235 6.78 -23.24 37.32
CA PHE B 235 8.21 -23.53 37.29
C PHE B 235 8.90 -22.85 36.11
N LEU B 236 8.33 -22.95 34.92
CA LEU B 236 8.91 -22.28 33.74
C LEU B 236 8.79 -20.76 33.90
N ARG B 237 7.69 -20.33 34.49
CA ARG B 237 7.44 -18.91 34.72
C ARG B 237 8.56 -18.29 35.55
N MET B 238 8.84 -18.89 36.71
CA MET B 238 9.81 -18.31 37.64
C MET B 238 11.29 -18.69 37.35
N GLN B 239 11.52 -19.41 36.25
CA GLN B 239 12.85 -19.93 35.93
C GLN B 239 13.89 -18.86 35.50
N ASP B 240 13.42 -17.69 35.09
CA ASP B 240 14.34 -16.58 34.79
C ASP B 240 15.12 -16.14 36.02
N HIS B 241 14.54 -16.43 37.19
CA HIS B 241 15.08 -16.02 38.47
C HIS B 241 16.06 -17.04 39.04
N MET B 242 16.02 -18.25 38.50
CA MET B 242 16.91 -19.31 38.95
C MET B 242 18.28 -19.29 38.27
N TYR B 243 18.42 -18.49 37.21
CA TYR B 243 19.66 -18.48 36.41
C TYR B 243 20.07 -17.07 35.96
N PRO B 244 21.36 -16.88 35.63
CA PRO B 244 21.88 -15.59 35.13
C PRO B 244 21.31 -15.20 33.76
N ARG B 245 21.57 -13.97 33.30
CA ARG B 245 20.84 -13.37 32.18
C ARG B 245 20.94 -14.05 30.79
N GLY B 246 22.13 -14.44 30.36
CA GLY B 246 22.27 -14.94 29.01
C GLY B 246 21.96 -16.41 28.84
N TYR B 247 21.33 -17.02 29.85
CA TYR B 247 21.13 -18.46 29.93
C TYR B 247 20.15 -19.02 28.90
N ILE B 248 20.39 -20.25 28.47
CA ILE B 248 19.48 -20.95 27.55
C ILE B 248 19.20 -22.33 28.13
N LYS B 249 17.92 -22.69 28.22
CA LYS B 249 17.53 -24.06 28.50
C LYS B 249 17.09 -24.79 27.22
N MET B 250 17.38 -26.08 27.16
CA MET B 250 16.85 -26.89 26.08
C MET B 250 15.52 -27.48 26.52
N ARG B 251 14.49 -27.31 25.70
CA ARG B 251 13.18 -27.91 25.99
C ARG B 251 13.11 -29.30 25.36
N PHE B 252 12.48 -30.26 26.05
CA PHE B 252 12.36 -31.63 25.53
C PHE B 252 11.13 -32.33 26.09
N LEU B 253 10.59 -33.27 25.31
CA LEU B 253 9.46 -34.09 25.73
C LEU B 253 9.94 -35.50 26.08
N GLU B 254 11.19 -35.76 25.73
CA GLU B 254 11.81 -37.06 25.99
C GLU B 254 13.27 -36.97 25.57
N ASN B 255 14.08 -37.89 26.09
CA ASN B 255 15.40 -38.11 25.52
C ASN B 255 15.81 -39.58 25.62
N HIS B 256 17.09 -39.84 25.48
CA HIS B 256 17.59 -41.20 25.52
C HIS B 256 17.43 -41.77 26.92
N ASP B 257 17.21 -40.87 27.87
CA ASP B 257 17.19 -41.19 29.29
C ASP B 257 15.79 -41.38 29.85
N GLN B 258 14.77 -41.24 29.00
CA GLN B 258 13.37 -41.28 29.45
C GLN B 258 12.48 -42.17 28.55
N PRO B 259 11.29 -42.54 29.06
CA PRO B 259 10.35 -43.29 28.20
C PRO B 259 9.81 -42.45 27.06
N ARG B 260 9.38 -43.07 25.96
CA ARG B 260 8.74 -42.34 24.87
C ARG B 260 7.52 -41.59 25.40
N VAL B 261 7.34 -40.33 25.01
CA VAL B 261 6.21 -39.52 25.52
C VAL B 261 4.87 -40.02 25.00
N ALA B 262 4.87 -40.46 23.74
CA ALA B 262 3.67 -41.00 23.09
C ALA B 262 3.02 -42.14 23.89
N LYS B 263 3.81 -42.74 24.77
CA LYS B 263 3.35 -43.81 25.64
C LYS B 263 2.27 -43.33 26.62
N PHE B 264 2.44 -42.13 27.14
CA PHE B 264 1.51 -41.56 28.12
C PHE B 264 0.37 -40.74 27.51
N LEU B 265 0.50 -40.33 26.25
CA LEU B 265 -0.43 -39.40 25.62
C LEU B 265 -1.10 -39.99 24.38
N SER B 266 -2.33 -39.57 24.13
CA SER B 266 -2.94 -39.76 22.81
C SER B 266 -2.30 -38.79 21.81
N ARG B 267 -2.44 -39.11 20.52
CA ARG B 267 -1.92 -38.25 19.47
C ARG B 267 -2.48 -36.85 19.61
N GLU B 268 -3.78 -36.76 19.85
CA GLU B 268 -4.44 -35.47 19.89
C GLU B 268 -3.81 -34.58 20.95
N SER B 269 -3.67 -35.13 22.15
CA SER B 269 -3.07 -34.41 23.27
C SER B 269 -1.62 -34.05 22.94
N LEU B 270 -0.92 -35.00 22.36
CA LEU B 270 0.51 -34.88 22.09
C LEU B 270 0.80 -33.70 21.19
N MET B 271 -0.13 -33.41 20.29
CA MET B 271 0.05 -32.32 19.36
C MET B 271 0.09 -30.97 20.05
N HIS B 272 -0.57 -30.88 21.20
CA HIS B 272 -0.55 -29.67 22.00
C HIS B 272 0.82 -29.49 22.65
N TRP B 273 1.47 -30.61 22.93
CA TRP B 273 2.79 -30.57 23.54
C TRP B 273 3.92 -30.35 22.54
N ILE B 274 3.67 -30.68 21.28
CA ILE B 274 4.62 -30.46 20.20
C ILE B 274 4.57 -28.97 19.92
N ALA B 275 3.34 -28.44 19.90
CA ALA B 275 3.11 -27.01 19.80
C ALA B 275 3.93 -26.27 20.85
N PHE B 276 3.78 -26.71 22.10
CA PHE B 276 4.59 -26.20 23.18
C PHE B 276 6.07 -26.27 22.86
N LEU B 277 6.60 -27.47 22.63
CA LEU B 277 8.03 -27.70 22.37
C LEU B 277 8.66 -26.65 21.47
N PHE B 278 7.96 -26.32 20.38
CA PHE B 278 8.55 -25.48 19.34
C PHE B 278 8.19 -24.00 19.44
N THR B 279 7.28 -23.63 20.36
CA THR B 279 6.91 -22.21 20.52
C THR B 279 7.31 -21.57 21.84
N VAL B 280 7.55 -22.38 22.86
CA VAL B 280 7.94 -21.88 24.15
C VAL B 280 9.37 -21.30 24.09
N LYS B 281 9.73 -20.47 25.06
CA LYS B 281 11.08 -19.92 25.14
C LYS B 281 12.08 -21.07 25.32
N GLY B 282 13.29 -20.88 24.78
CA GLY B 282 14.31 -21.91 24.80
C GLY B 282 14.58 -22.59 23.46
N VAL B 283 15.35 -23.65 23.54
CA VAL B 283 15.84 -24.40 22.40
C VAL B 283 15.16 -25.77 22.34
N PRO B 284 14.60 -26.14 21.17
CA PRO B 284 13.86 -27.40 21.11
C PRO B 284 14.73 -28.64 20.86
N LEU B 285 14.34 -29.75 21.51
CA LEU B 285 14.95 -31.05 21.26
C LEU B 285 13.94 -32.04 20.72
N VAL B 286 14.23 -32.58 19.54
CA VAL B 286 13.53 -33.77 19.04
C VAL B 286 14.45 -34.99 19.25
N HIS B 287 13.94 -36.00 19.91
CA HIS B 287 14.75 -37.16 20.24
C HIS B 287 14.40 -38.19 19.19
N ASN B 288 15.39 -38.82 18.56
CA ASN B 288 15.08 -39.68 17.40
C ASN B 288 13.93 -40.67 17.59
N GLY B 289 12.97 -40.63 16.68
CA GLY B 289 11.81 -41.50 16.73
C GLY B 289 10.55 -40.81 17.26
N GLN B 290 10.74 -39.69 17.97
CA GLN B 290 9.65 -38.94 18.57
C GLN B 290 8.79 -38.24 17.51
N GLU B 291 9.41 -37.96 16.36
CA GLU B 291 8.72 -37.30 15.26
C GLU B 291 7.72 -38.25 14.64
N TYR B 292 7.87 -39.54 14.91
CA TYR B 292 6.89 -40.51 14.42
C TYR B 292 5.92 -40.97 15.51
N ALA B 293 5.96 -40.28 16.65
CA ALA B 293 5.17 -40.67 17.81
C ALA B 293 5.44 -42.11 18.30
N LEU B 294 6.69 -42.56 18.19
CA LEU B 294 7.06 -43.91 18.59
C LEU B 294 6.71 -44.20 20.04
N LYS B 295 6.24 -45.40 20.33
CA LYS B 295 5.88 -45.75 21.70
C LYS B 295 6.88 -46.71 22.35
N GLU B 296 7.68 -47.40 21.55
CA GLU B 296 8.64 -48.35 22.10
C GLU B 296 9.98 -47.68 22.36
N ASP B 297 10.47 -47.79 23.59
CA ASP B 297 11.66 -47.05 24.02
C ASP B 297 12.94 -47.62 23.44
N LEU B 298 13.92 -46.74 23.28
CA LEU B 298 15.28 -47.14 22.97
C LEU B 298 15.71 -48.29 23.86
N ASP B 299 16.38 -49.26 23.25
CA ASP B 299 17.18 -50.24 23.99
C ASP B 299 18.64 -49.83 23.83
N ILE B 300 19.27 -49.53 24.96
CA ILE B 300 20.58 -48.90 24.96
C ILE B 300 21.71 -49.91 25.21
N PHE B 301 21.35 -51.20 25.38
CA PHE B 301 22.30 -52.26 25.75
C PHE B 301 22.42 -53.39 24.72
N ASN B 302 21.29 -53.74 24.10
CA ASN B 302 21.19 -54.89 23.21
C ASN B 302 21.07 -54.44 21.76
N GLU B 303 21.09 -55.42 20.84
CA GLU B 303 20.91 -55.13 19.42
C GLU B 303 19.54 -54.52 19.18
N TYR B 304 19.55 -53.30 18.66
CA TYR B 304 18.31 -52.54 18.50
C TYR B 304 18.37 -51.69 17.24
N THR B 305 17.30 -51.72 16.46
CA THR B 305 17.18 -50.85 15.31
C THR B 305 15.89 -50.05 15.43
N LEU B 306 16.01 -48.72 15.46
CA LEU B 306 14.80 -47.92 15.60
C LEU B 306 14.04 -47.80 14.28
N PRO B 307 12.72 -48.00 14.34
CA PRO B 307 11.81 -47.97 13.18
C PRO B 307 11.74 -46.59 12.52
N ILE B 308 12.88 -46.11 12.04
CA ILE B 308 13.01 -44.82 11.39
C ILE B 308 13.46 -45.08 9.95
N PRO B 309 12.86 -44.40 8.96
CA PRO B 309 11.70 -43.52 9.07
C PRO B 309 10.41 -44.31 9.21
N GLY B 310 9.33 -43.63 9.55
CA GLY B 310 8.02 -44.27 9.64
C GLY B 310 7.04 -43.64 8.66
N GLU B 311 5.76 -43.88 8.93
CA GLU B 311 4.68 -43.30 8.16
C GLU B 311 4.58 -41.79 8.41
N GLU B 312 4.65 -40.99 7.34
CA GLU B 312 4.67 -39.54 7.49
C GLU B 312 3.35 -39.02 8.07
N ASN B 313 3.12 -39.37 9.35
CA ASN B 313 1.85 -39.07 10.00
C ASN B 313 1.68 -37.62 10.46
N GLU B 314 0.57 -37.34 11.14
CA GLU B 314 0.28 -35.97 11.56
C GLU B 314 1.28 -35.42 12.58
N ILE B 315 1.98 -36.32 13.28
CA ILE B 315 3.01 -35.93 14.24
C ILE B 315 4.29 -35.52 13.51
N PHE B 316 4.71 -36.34 12.57
CA PHE B 316 5.82 -35.95 11.70
C PHE B 316 5.55 -34.58 11.06
N SER B 317 4.35 -34.43 10.48
CA SER B 317 3.95 -33.22 9.74
C SER B 317 4.02 -31.94 10.58
N LEU B 318 3.45 -32.00 11.78
CA LEU B 318 3.53 -30.91 12.76
C LEU B 318 4.98 -30.59 13.14
N HIS B 319 5.77 -31.63 13.40
CA HIS B 319 7.20 -31.45 13.70
C HIS B 319 7.91 -30.63 12.63
N ARG B 320 7.72 -31.00 11.37
CA ARG B 320 8.32 -30.26 10.26
C ARG B 320 7.71 -28.86 10.11
N LYS B 321 6.37 -28.78 10.17
CA LYS B 321 5.70 -27.49 10.06
C LYS B 321 6.22 -26.48 11.07
N LEU B 322 6.17 -26.83 12.36
CA LEU B 322 6.53 -25.92 13.45
C LEU B 322 8.01 -25.57 13.51
N ALA B 323 8.87 -26.56 13.26
CA ALA B 323 10.30 -26.32 13.27
C ALA B 323 10.65 -25.39 12.13
N HIS B 324 10.17 -25.70 10.92
CA HIS B 324 10.36 -24.85 9.75
C HIS B 324 9.85 -23.45 10.09
N TYR B 325 8.74 -23.41 10.83
CA TYR B 325 8.17 -22.14 11.26
C TYR B 325 9.10 -21.40 12.19
N ARG B 326 9.57 -22.07 13.24
CA ARG B 326 10.45 -21.44 14.20
C ARG B 326 11.70 -20.83 13.55
N TYR B 327 12.47 -21.61 12.83
CA TYR B 327 13.70 -21.06 12.27
C TYR B 327 13.47 -19.94 11.25
N LYS B 328 12.36 -19.98 10.53
CA LYS B 328 12.13 -18.97 9.49
C LYS B 328 11.49 -17.68 10.02
N THR B 329 10.97 -17.73 11.23
CA THR B 329 10.49 -16.51 11.88
C THR B 329 11.51 -16.07 12.92
N ASN B 330 11.91 -14.80 12.89
CA ASN B 330 12.90 -14.35 13.86
C ASN B 330 12.30 -13.89 15.20
N VAL B 331 11.03 -14.23 15.41
CA VAL B 331 10.29 -13.88 16.62
C VAL B 331 10.81 -14.59 17.87
N PHE B 332 11.03 -15.90 17.76
CA PHE B 332 11.44 -16.70 18.91
C PHE B 332 12.90 -16.41 19.22
N SER B 333 13.67 -16.15 18.18
CA SER B 333 15.11 -15.96 18.32
C SER B 333 15.41 -14.60 18.93
N ASN B 334 14.58 -13.61 18.59
CA ASN B 334 14.89 -12.21 18.88
C ASN B 334 13.77 -11.45 19.55
N GLY B 335 12.75 -12.17 19.98
CA GLY B 335 11.62 -11.53 20.60
C GLY B 335 11.62 -11.75 22.08
N GLU B 336 10.46 -11.52 22.68
CA GLU B 336 10.28 -11.55 24.10
C GLU B 336 9.03 -12.35 24.42
N MET B 337 9.18 -13.46 25.12
CA MET B 337 8.01 -14.20 25.55
C MET B 337 7.61 -13.84 26.97
N ILE B 338 6.31 -13.83 27.23
CA ILE B 338 5.76 -13.61 28.55
C ILE B 338 4.57 -14.54 28.70
N PHE B 339 4.51 -15.24 29.82
CA PHE B 339 3.35 -16.05 30.16
C PHE B 339 2.15 -15.18 30.44
N ILE B 340 0.97 -15.73 30.16
CA ILE B 340 -0.28 -15.01 30.27
C ILE B 340 -1.19 -15.72 31.28
N ARG B 341 -1.60 -14.96 32.30
CA ARG B 341 -2.55 -15.47 33.27
C ARG B 341 -3.82 -15.92 32.56
N ASN B 342 -4.26 -17.14 32.85
CA ASN B 342 -5.51 -17.59 32.27
C ASN B 342 -6.53 -18.10 33.28
N ASP B 343 -7.75 -18.29 32.81
CA ASP B 343 -8.87 -18.75 33.62
C ASP B 343 -8.66 -20.14 34.21
N GLN B 344 -8.10 -21.05 33.42
CA GLN B 344 -8.07 -22.46 33.76
C GLN B 344 -6.65 -22.95 33.94
N PRO B 345 -6.04 -22.61 35.08
CA PRO B 345 -4.60 -22.87 35.22
C PRO B 345 -4.35 -24.37 35.32
N GLU B 346 -5.42 -25.15 35.44
CA GLU B 346 -5.29 -26.60 35.55
C GLU B 346 -5.41 -27.26 34.17
N ARG B 347 -5.95 -26.53 33.20
CA ARG B 347 -6.13 -27.09 31.84
C ARG B 347 -5.21 -26.45 30.80
N VAL B 348 -5.22 -25.12 30.72
CA VAL B 348 -4.56 -24.42 29.61
C VAL B 348 -3.25 -23.68 29.93
N ILE B 349 -2.32 -23.75 28.98
CA ILE B 349 -1.09 -22.95 28.96
C ILE B 349 -1.29 -21.81 27.95
N SER B 350 -0.92 -20.59 28.32
CA SER B 350 -1.05 -19.45 27.43
C SER B 350 0.14 -18.54 27.60
N TYR B 351 0.71 -18.08 26.51
CA TYR B 351 1.87 -17.22 26.54
C TYR B 351 1.91 -16.39 25.26
N LEU B 352 2.63 -15.27 25.32
CA LEU B 352 2.58 -14.27 24.26
C LEU B 352 3.99 -13.97 23.83
N TRP B 353 4.23 -14.01 22.53
CA TRP B 353 5.48 -13.51 21.97
C TRP B 353 5.24 -12.16 21.32
N ARG B 354 6.17 -11.24 21.54
CA ARG B 354 6.09 -9.90 20.97
C ARG B 354 7.41 -9.64 20.27
N HIS B 355 7.35 -9.02 19.09
CA HIS B 355 8.52 -8.61 18.33
C HIS B 355 8.23 -8.06 16.93
N GLY B 356 8.07 -6.75 16.76
CA GLY B 356 7.73 -5.80 17.80
C GLY B 356 6.35 -5.35 17.36
N ASN B 357 6.10 -5.43 16.06
CA ASN B 357 4.74 -5.37 15.55
C ASN B 357 4.08 -6.75 15.47
N ARG B 358 4.92 -7.78 15.38
CA ARG B 358 4.48 -9.15 15.25
C ARG B 358 4.23 -9.76 16.63
N PHE B 359 3.14 -10.51 16.72
CA PHE B 359 2.79 -11.21 17.93
C PHE B 359 2.50 -12.66 17.62
N ILE B 360 2.61 -13.51 18.65
CA ILE B 360 2.21 -14.90 18.59
C ILE B 360 1.62 -15.25 19.94
N LEU B 361 0.31 -15.52 19.96
CA LEU B 361 -0.36 -15.90 21.19
C LEU B 361 -0.65 -17.40 21.15
N CYS B 362 0.06 -18.15 21.98
CA CYS B 362 -0.18 -19.58 22.07
C CYS B 362 -1.18 -19.85 23.17
N VAL B 363 -2.15 -20.70 22.87
CA VAL B 363 -3.14 -21.16 23.84
C VAL B 363 -3.28 -22.67 23.62
N LEU B 364 -2.72 -23.46 24.55
CA LEU B 364 -2.72 -24.92 24.46
C LEU B 364 -3.73 -25.59 25.41
N ASN B 365 -4.27 -26.72 24.98
CA ASN B 365 -5.35 -27.38 25.71
C ASN B 365 -5.16 -28.89 25.74
N PRO B 366 -4.05 -29.35 26.35
CA PRO B 366 -3.65 -30.77 26.31
C PRO B 366 -4.69 -31.77 26.78
N LEU B 367 -5.63 -31.34 27.61
CA LEU B 367 -6.73 -32.20 28.05
C LEU B 367 -7.86 -32.28 27.03
N LEU B 368 -7.66 -31.63 25.89
CA LEU B 368 -8.53 -31.77 24.70
C LEU B 368 -9.98 -31.35 24.86
N GLU B 369 -10.51 -31.36 26.08
CA GLU B 369 -11.94 -31.14 26.25
C GLU B 369 -12.31 -29.73 25.83
N ASN B 370 -13.58 -29.55 25.45
CA ASN B 370 -14.02 -28.24 25.00
C ASN B 370 -14.34 -27.41 26.22
N THR B 371 -13.56 -26.37 26.45
CA THR B 371 -13.86 -25.42 27.51
C THR B 371 -13.63 -24.02 27.01
N SER B 372 -13.92 -23.05 27.87
CA SER B 372 -13.57 -21.68 27.57
C SER B 372 -12.53 -21.23 28.59
N VAL B 373 -11.67 -20.30 28.19
CA VAL B 373 -10.66 -19.72 29.06
C VAL B 373 -10.59 -18.26 28.75
N THR B 374 -10.71 -17.42 29.76
CA THR B 374 -10.43 -16.03 29.53
C THR B 374 -9.00 -15.75 29.95
N LEU B 375 -8.31 -14.96 29.13
CA LEU B 375 -6.92 -14.63 29.38
C LEU B 375 -6.83 -13.19 29.86
N ASP B 376 -5.88 -12.92 30.74
CA ASP B 376 -5.74 -11.58 31.26
C ASP B 376 -4.67 -10.83 30.47
N PHE B 377 -5.09 -9.79 29.74
CA PHE B 377 -4.18 -8.96 28.96
C PHE B 377 -3.92 -7.56 29.53
N SER B 378 -4.15 -7.41 30.84
CA SER B 378 -4.01 -6.15 31.54
C SER B 378 -2.92 -5.21 31.05
N GLY B 379 -1.67 -5.59 31.23
CA GLY B 379 -0.56 -4.72 30.84
C GLY B 379 -0.49 -4.38 29.37
N ILE B 380 -1.13 -5.16 28.51
CA ILE B 380 -0.91 -5.10 27.06
C ILE B 380 -2.06 -4.48 26.25
N TRP B 381 -3.27 -5.01 26.38
CA TRP B 381 -4.40 -4.46 25.62
C TRP B 381 -5.63 -4.26 26.50
N GLU B 382 -6.31 -3.14 26.28
CA GLU B 382 -7.63 -2.87 26.86
C GLU B 382 -8.81 -3.65 26.20
N ASN B 383 -9.18 -3.52 24.91
CA ASN B 383 -8.67 -2.65 23.81
C ASN B 383 -9.27 -3.00 22.42
N ILE B 384 -9.09 -4.26 21.98
CA ILE B 384 -9.10 -4.62 20.54
C ILE B 384 -9.70 -5.96 20.09
N CYS B 385 -10.04 -6.00 18.80
CA CYS B 385 -10.34 -7.26 18.10
C CYS B 385 -9.13 -7.67 17.26
N ILE B 386 -8.49 -8.78 17.65
CA ILE B 386 -7.34 -9.29 16.93
C ILE B 386 -7.77 -10.30 15.87
N HIS B 387 -7.27 -10.13 14.65
CA HIS B 387 -7.43 -11.10 13.57
C HIS B 387 -6.11 -11.84 13.34
N SER B 388 -6.07 -13.10 13.74
CA SER B 388 -4.86 -13.91 13.62
C SER B 388 -4.97 -15.07 12.63
N LYS B 389 -3.83 -15.66 12.30
CA LYS B 389 -3.84 -16.95 11.64
C LYS B 389 -3.30 -18.03 12.57
N ASN B 390 -4.11 -19.05 12.83
CA ASN B 390 -3.61 -20.17 13.60
C ASN B 390 -2.55 -21.01 12.86
N VAL B 391 -1.28 -20.78 13.19
CA VAL B 391 -0.17 -21.55 12.59
C VAL B 391 -0.30 -23.11 12.62
N PHE B 392 -1.03 -23.65 13.59
CA PHE B 392 -1.21 -25.10 13.70
C PHE B 392 -1.99 -25.74 12.55
N ASN B 393 -3.05 -25.09 12.09
CA ASN B 393 -3.95 -25.73 11.13
C ASN B 393 -4.31 -24.86 9.96
N ASP B 394 -3.65 -23.70 9.90
CA ASP B 394 -3.90 -22.68 8.89
C ASP B 394 -5.33 -22.13 8.94
N ASP B 395 -5.98 -22.29 10.09
CA ASP B 395 -7.28 -21.65 10.33
C ASP B 395 -7.09 -20.16 10.55
N ILE B 396 -8.22 -19.49 10.72
CA ILE B 396 -8.24 -18.06 10.96
C ILE B 396 -9.02 -17.84 12.27
N VAL B 397 -8.39 -17.17 13.24
CA VAL B 397 -9.00 -17.01 14.56
C VAL B 397 -9.05 -15.55 14.99
N ARG B 398 -10.24 -15.06 15.33
CA ARG B 398 -10.33 -13.74 15.94
C ARG B 398 -10.41 -13.83 17.46
N VAL B 399 -9.69 -12.94 18.12
CA VAL B 399 -9.76 -12.82 19.56
C VAL B 399 -10.04 -11.37 19.92
N SER B 400 -11.14 -11.16 20.64
CA SER B 400 -11.48 -9.83 21.11
C SER B 400 -11.15 -9.68 22.59
N VAL B 401 -10.20 -8.81 22.90
CA VAL B 401 -10.00 -8.42 24.31
C VAL B 401 -10.90 -7.21 24.63
N LYS B 402 -11.76 -7.38 25.62
CA LYS B 402 -12.79 -6.39 25.93
C LYS B 402 -12.37 -5.41 27.02
N ASN B 403 -12.25 -5.91 28.25
CA ASN B 403 -11.78 -5.09 29.35
C ASN B 403 -10.45 -5.62 29.84
N SER B 404 -9.43 -5.50 28.99
CA SER B 404 -8.11 -6.07 29.24
C SER B 404 -8.15 -7.60 29.35
N ARG B 405 -9.24 -8.21 28.91
CA ARG B 405 -9.39 -9.66 28.97
C ARG B 405 -10.02 -10.28 27.71
N ALA B 406 -9.56 -11.46 27.35
CA ALA B 406 -10.04 -12.12 26.14
C ALA B 406 -10.56 -13.51 26.45
N LYS B 407 -11.84 -13.74 26.16
CA LYS B 407 -12.45 -15.04 26.38
C LYS B 407 -12.30 -15.88 25.09
N ILE B 408 -11.69 -17.04 25.23
CA ILE B 408 -11.29 -17.85 24.10
C ILE B 408 -11.79 -19.26 24.27
N LYS B 409 -12.58 -19.73 23.31
CA LYS B 409 -13.08 -21.10 23.34
C LYS B 409 -12.02 -22.03 22.75
N VAL B 410 -11.57 -23.00 23.56
CA VAL B 410 -10.54 -23.94 23.14
C VAL B 410 -11.11 -25.35 23.10
N GLY B 411 -10.41 -26.25 22.40
CA GLY B 411 -10.84 -27.63 22.35
C GLY B 411 -10.18 -28.43 21.25
N ARG B 412 -9.25 -29.31 21.62
CA ARG B 412 -8.69 -30.33 20.72
C ARG B 412 -7.65 -29.83 19.71
N GLU B 413 -7.89 -28.67 19.09
CA GLU B 413 -6.86 -28.08 18.24
C GLU B 413 -6.08 -26.92 18.92
N PRO B 414 -4.75 -27.06 19.01
CA PRO B 414 -3.86 -26.02 19.52
C PRO B 414 -4.07 -24.66 18.82
N LEU B 415 -3.97 -23.58 19.59
CA LEU B 415 -4.00 -22.26 19.00
C LEU B 415 -2.62 -21.65 19.04
N ILE B 416 -1.95 -21.58 17.90
CA ILE B 416 -0.70 -20.84 17.78
C ILE B 416 -1.06 -19.65 16.93
N LEU B 417 -1.24 -18.50 17.57
CA LEU B 417 -1.95 -17.40 16.93
C LEU B 417 -1.04 -16.28 16.45
N SER B 418 -0.73 -16.26 15.16
CA SER B 418 0.13 -15.22 14.63
C SER B 418 -0.66 -13.99 14.17
N PHE B 419 -0.23 -12.82 14.59
CA PHE B 419 -0.86 -11.58 14.17
C PHE B 419 0.08 -10.41 14.22
N VAL B 420 -0.31 -9.33 13.56
CA VAL B 420 0.52 -8.14 13.51
C VAL B 420 -0.33 -6.92 13.87
N LEU B 421 0.24 -6.07 14.71
CA LEU B 421 -0.45 -4.87 15.19
C LEU B 421 0.34 -3.63 14.84
N TYR B 422 0.31 -3.24 13.56
CA TYR B 422 0.89 -1.97 13.17
C TYR B 422 0.03 -0.84 13.73
#